data_2W71
#
_entry.id   2W71
#
_cell.length_a   80.664
_cell.length_b   113.740
_cell.length_c   121.786
_cell.angle_alpha   90.00
_cell.angle_beta   90.00
_cell.angle_gamma   90.00
#
_symmetry.space_group_name_H-M   'P 21 21 21'
#
loop_
_entity.id
_entity.type
_entity.pdbx_description
1 polymer 'BIOTIN CARBOXYLASE'
2 non-polymer 'CHLORIDE ION'
3 non-polymer 4-[1-(2,6-dichlorobenzyl)-2-methyl-1H-imidazol-4-yl]pyrimidin-2-amine
4 water water
#
_entity_poly.entity_id   1
_entity_poly.type   'polypeptide(L)'
_entity_poly.pdbx_seq_one_letter_code
;MLDKIVIANRGEIALRILRACKELGIKTVAVHSSADRDLKHVLLADETVCIGPAPSVKSYLNIPAIISAAEITGAVAIHP
GYGFLSENANFAEQVERSGFIFIGPKAETIRLMGDKVSAIAAMKKAGVPCVPGSDGPLGDDMDKNRAIAKRIGYPVIIKA
SGGGGGRGMRVVRGDAELAQSISMTRAEAKAAFSNDMVYMEKYLENPRHVEIQVLADGQGNAIYLAERDCSMQRRHQKVV
EEAPAPGITPELRRYIGERCAKACVDIGYRGAGTFEFLFENGEFYFIEMNTRIQVEHPVTEMITGVDLIKEQLRIAAGQP
LSIKQEEVHVRGHAVECRINAEDPNTFLPSPGKITRFHAPGGFGVRWESHIYAGYTVPPYYDSMIGKLICYGENRDVAIA
RMKNALQELIIDGIKTNVDLQIRIMNDENFQHGGTNIHYLEKKLGLQEK
;
_entity_poly.pdbx_strand_id   A,C
#
# COMPACT_ATOMS: atom_id res chain seq x y z
N MET A 1 1.25 4.32 -26.26
CA MET A 1 2.06 4.74 -25.07
C MET A 1 3.37 5.41 -25.53
N LEU A 2 3.77 6.46 -24.82
CA LEU A 2 5.02 7.17 -25.11
C LEU A 2 6.21 6.21 -25.09
N ASP A 3 7.04 6.26 -26.14
CA ASP A 3 8.20 5.38 -26.23
C ASP A 3 9.23 5.65 -25.12
N LYS A 4 9.52 6.92 -24.90
CA LYS A 4 10.63 7.33 -24.05
C LYS A 4 10.39 8.75 -23.56
N ILE A 5 10.60 8.99 -22.27
CA ILE A 5 10.44 10.34 -21.74
C ILE A 5 11.65 10.81 -20.95
N VAL A 6 11.84 12.13 -20.94
CA VAL A 6 12.77 12.78 -20.02
C VAL A 6 11.99 13.11 -18.75
N ILE A 7 12.52 12.66 -17.63
CA ILE A 7 12.00 13.06 -16.32
C ILE A 7 12.74 14.33 -15.88
N ALA A 8 12.09 15.47 -16.10
CA ALA A 8 12.72 16.78 -15.86
C ALA A 8 12.54 17.19 -14.42
N ASN A 9 13.08 16.38 -13.51
CA ASN A 9 12.97 16.63 -12.09
C ASN A 9 13.97 15.76 -11.30
N ARG A 10 13.80 15.70 -9.99
CA ARG A 10 14.74 15.01 -9.10
C ARG A 10 14.02 14.47 -7.88
N GLY A 11 14.77 13.81 -6.99
CA GLY A 11 14.26 13.39 -5.69
C GLY A 11 13.09 12.42 -5.77
N GLU A 12 12.12 12.59 -4.87
CA GLU A 12 11.04 11.63 -4.74
C GLU A 12 10.10 11.61 -5.95
N ILE A 13 9.81 12.78 -6.52
CA ILE A 13 8.84 12.84 -7.62
C ILE A 13 9.42 12.24 -8.90
N ALA A 14 10.73 12.38 -9.10
CA ALA A 14 11.39 11.77 -10.25
C ALA A 14 11.29 10.24 -10.15
N LEU A 15 11.48 9.72 -8.93
CA LEU A 15 11.31 8.28 -8.67
C LEU A 15 9.86 7.84 -8.89
N ARG A 16 8.92 8.63 -8.40
CA ARG A 16 7.48 8.37 -8.58
C ARG A 16 7.13 8.30 -10.07
N ILE A 17 7.71 9.20 -10.85
CA ILE A 17 7.46 9.22 -12.30
C ILE A 17 8.13 8.01 -12.98
N LEU A 18 9.35 7.71 -12.58
CA LEU A 18 10.06 6.55 -13.12
C LEU A 18 9.26 5.25 -12.92
N ARG A 19 8.70 5.07 -11.73
CA ARG A 19 7.93 3.86 -11.43
C ARG A 19 6.72 3.72 -12.34
N ALA A 20 5.99 4.82 -12.53
CA ALA A 20 4.84 4.84 -13.43
C ALA A 20 5.24 4.53 -14.89
N CYS A 21 6.37 5.10 -15.33
CA CYS A 21 6.88 4.84 -16.67
C CYS A 21 7.15 3.36 -16.87
N LYS A 22 7.86 2.76 -15.93
CA LYS A 22 8.18 1.33 -15.96
C LYS A 22 6.94 0.44 -15.99
N GLU A 23 5.92 0.80 -15.22
CA GLU A 23 4.64 0.07 -15.26
C GLU A 23 4.02 0.08 -16.64
N LEU A 24 4.21 1.19 -17.36
CA LEU A 24 3.61 1.37 -18.68
C LEU A 24 4.53 0.98 -19.83
N GLY A 25 5.73 0.50 -19.51
CA GLY A 25 6.71 0.12 -20.53
C GLY A 25 7.36 1.30 -21.25
N ILE A 26 7.32 2.47 -20.60
CA ILE A 26 7.89 3.70 -21.14
C ILE A 26 9.37 3.81 -20.76
N LYS A 27 10.24 3.94 -21.76
CA LYS A 27 11.69 4.14 -21.50
C LYS A 27 11.95 5.45 -20.76
N THR A 28 12.93 5.44 -19.84
CA THR A 28 13.20 6.61 -19.01
C THR A 28 14.55 7.25 -19.30
N VAL A 29 14.54 8.59 -19.31
CA VAL A 29 15.77 9.37 -19.35
C VAL A 29 15.79 10.23 -18.10
N ALA A 30 16.75 9.94 -17.22
CA ALA A 30 16.97 10.75 -16.04
C ALA A 30 18.00 11.83 -16.31
N VAL A 31 17.52 13.07 -16.41
CA VAL A 31 18.37 14.26 -16.43
C VAL A 31 18.66 14.69 -15.00
N HIS A 32 19.93 15.03 -14.73
CA HIS A 32 20.35 15.29 -13.37
C HIS A 32 21.52 16.27 -13.34
N SER A 33 21.62 17.00 -12.23
CA SER A 33 22.76 17.83 -11.95
C SER A 33 23.95 16.96 -11.52
N SER A 34 25.14 17.54 -11.52
CA SER A 34 26.34 16.83 -11.08
C SER A 34 26.28 16.45 -9.58
N ALA A 35 25.41 17.11 -8.81
CA ALA A 35 25.23 16.79 -7.40
C ALA A 35 24.27 15.61 -7.18
N ASP A 36 23.60 15.18 -8.24
CA ASP A 36 22.52 14.21 -8.15
C ASP A 36 22.79 12.90 -8.89
N ARG A 37 24.07 12.58 -9.10
CA ARG A 37 24.47 11.36 -9.81
C ARG A 37 24.02 10.08 -9.08
N ASP A 38 23.90 10.16 -7.77
CA ASP A 38 23.52 8.98 -6.98
C ASP A 38 22.08 8.98 -6.49
N LEU A 39 21.23 9.79 -7.13
CA LEU A 39 19.79 9.69 -6.93
C LEU A 39 19.29 8.31 -7.30
N LYS A 40 18.40 7.76 -6.48
CA LYS A 40 17.81 6.44 -6.71
C LYS A 40 17.25 6.30 -8.14
N HIS A 41 16.41 7.25 -8.56
CA HIS A 41 15.79 7.14 -9.89
C HIS A 41 16.82 7.22 -11.03
N VAL A 42 17.88 8.00 -10.82
CA VAL A 42 18.98 8.09 -11.79
C VAL A 42 19.67 6.74 -11.95
N LEU A 43 19.87 6.05 -10.83
CA LEU A 43 20.45 4.72 -10.82
C LEU A 43 19.54 3.66 -11.44
N LEU A 44 18.23 3.92 -11.42
CA LEU A 44 17.23 2.98 -11.95
C LEU A 44 16.83 3.23 -13.41
N ALA A 45 17.18 4.42 -13.91
CA ALA A 45 16.76 4.87 -15.24
C ALA A 45 17.42 4.11 -16.38
N ASP A 46 16.72 4.04 -17.52
CA ASP A 46 17.25 3.40 -18.73
C ASP A 46 18.45 4.18 -19.28
N GLU A 47 18.34 5.51 -19.30
CA GLU A 47 19.44 6.39 -19.72
C GLU A 47 19.55 7.57 -18.78
N THR A 48 20.76 8.12 -18.68
CA THR A 48 21.04 9.26 -17.83
C THR A 48 21.81 10.33 -18.60
N VAL A 49 21.50 11.59 -18.33
CA VAL A 49 22.22 12.73 -18.89
C VAL A 49 22.50 13.74 -17.79
N CYS A 50 23.78 14.04 -17.56
CA CYS A 50 24.11 15.14 -16.67
C CYS A 50 23.90 16.46 -17.43
N ILE A 51 22.96 17.27 -16.93
CA ILE A 51 22.53 18.50 -17.62
C ILE A 51 23.17 19.78 -17.06
N GLY A 52 23.98 19.65 -16.01
CA GLY A 52 24.69 20.80 -15.48
C GLY A 52 25.18 20.67 -14.05
N PRO A 53 25.77 21.76 -13.51
CA PRO A 53 26.28 21.77 -12.14
C PRO A 53 25.14 21.78 -11.13
N ALA A 54 25.50 21.77 -9.85
CA ALA A 54 24.51 21.65 -8.76
C ALA A 54 23.41 22.73 -8.74
N PRO A 55 23.77 24.03 -8.86
CA PRO A 55 22.71 25.04 -8.72
C PRO A 55 21.60 24.83 -9.76
N SER A 56 20.36 24.93 -9.30
CA SER A 56 19.18 24.63 -10.14
C SER A 56 19.11 25.46 -11.42
N VAL A 57 19.53 26.73 -11.35
CA VAL A 57 19.51 27.62 -12.52
C VAL A 57 20.21 26.98 -13.75
N LYS A 58 21.30 26.25 -13.51
CA LYS A 58 22.05 25.65 -14.62
C LYS A 58 21.81 24.14 -14.79
N SER A 59 20.85 23.60 -14.04
CA SER A 59 20.47 22.20 -14.21
C SER A 59 18.96 22.06 -14.37
N TYR A 60 18.24 21.93 -13.26
CA TYR A 60 16.81 21.66 -13.31
C TYR A 60 15.95 22.79 -13.86
N LEU A 61 16.53 23.99 -13.98
CA LEU A 61 15.85 25.12 -14.61
C LEU A 61 16.48 25.48 -15.96
N ASN A 62 17.46 24.68 -16.38
CA ASN A 62 18.20 24.93 -17.60
C ASN A 62 17.44 24.39 -18.82
N ILE A 63 16.60 25.25 -19.41
CA ILE A 63 15.73 24.83 -20.53
C ILE A 63 16.49 24.22 -21.72
N PRO A 64 17.51 24.92 -22.26
CA PRO A 64 18.28 24.33 -23.36
C PRO A 64 18.93 22.97 -23.04
N ALA A 65 19.43 22.80 -21.82
CA ALA A 65 20.09 21.54 -21.48
C ALA A 65 19.07 20.39 -21.39
N ILE A 66 17.91 20.65 -20.81
CA ILE A 66 16.84 19.64 -20.70
C ILE A 66 16.33 19.26 -22.10
N ILE A 67 16.10 20.26 -22.93
CA ILE A 67 15.66 19.98 -24.31
C ILE A 67 16.74 19.23 -25.13
N SER A 68 18.01 19.58 -24.96
CA SER A 68 19.10 18.84 -25.64
C SER A 68 19.14 17.37 -25.23
N ALA A 69 18.87 17.10 -23.95
CA ALA A 69 18.83 15.73 -23.44
C ALA A 69 17.71 14.93 -24.09
N ALA A 70 16.56 15.55 -24.28
CA ALA A 70 15.46 14.93 -25.04
C ALA A 70 15.89 14.67 -26.48
N GLU A 71 16.56 15.67 -27.08
CA GLU A 71 17.07 15.56 -28.45
C GLU A 71 18.08 14.41 -28.63
N ILE A 72 19.07 14.34 -27.74
CA ILE A 72 20.16 13.36 -27.87
C ILE A 72 19.68 11.92 -27.66
N THR A 73 18.67 11.75 -26.82
CA THR A 73 18.14 10.43 -26.49
C THR A 73 16.97 9.99 -27.37
N GLY A 74 16.42 10.92 -28.14
CA GLY A 74 15.22 10.66 -28.95
C GLY A 74 13.98 10.45 -28.10
N ALA A 75 13.89 11.15 -26.98
CA ALA A 75 12.70 11.09 -26.12
C ALA A 75 11.56 11.74 -26.90
N VAL A 76 10.32 11.33 -26.61
CA VAL A 76 9.16 11.93 -27.29
C VAL A 76 8.40 12.92 -26.41
N ALA A 77 8.66 12.89 -25.11
CA ALA A 77 7.94 13.74 -24.16
C ALA A 77 8.81 14.11 -22.96
N ILE A 78 8.42 15.17 -22.25
CA ILE A 78 9.12 15.62 -21.06
C ILE A 78 8.10 15.78 -19.93
N HIS A 79 8.37 15.12 -18.81
CA HIS A 79 7.56 15.27 -17.60
C HIS A 79 8.27 16.23 -16.62
N PRO A 80 7.65 17.39 -16.34
CA PRO A 80 8.27 18.40 -15.48
C PRO A 80 8.11 18.15 -13.97
N GLY A 81 7.32 17.15 -13.58
CA GLY A 81 7.02 16.90 -12.16
C GLY A 81 6.31 18.08 -11.54
N TYR A 82 6.69 18.43 -10.30
CA TYR A 82 6.22 19.66 -9.66
C TYR A 82 7.41 20.57 -9.36
N GLY A 83 7.15 21.81 -8.99
CA GLY A 83 8.21 22.79 -8.78
C GLY A 83 8.96 23.07 -10.08
N PHE A 84 10.20 23.53 -9.94
CA PHE A 84 11.08 23.80 -11.08
C PHE A 84 10.38 24.49 -12.26
N LEU A 85 10.25 23.80 -13.40
CA LEU A 85 9.68 24.40 -14.63
C LEU A 85 8.24 23.95 -14.94
N SER A 86 7.59 23.31 -13.98
CA SER A 86 6.28 22.68 -14.22
C SER A 86 5.14 23.66 -14.51
N GLU A 87 5.26 24.89 -14.00
CA GLU A 87 4.28 25.96 -14.29
C GLU A 87 4.89 27.07 -15.16
N ASN A 88 6.01 26.74 -15.82
CA ASN A 88 6.68 27.70 -16.69
C ASN A 88 6.14 27.57 -18.11
N ALA A 89 5.30 28.53 -18.50
CA ALA A 89 4.65 28.50 -19.81
C ALA A 89 5.65 28.61 -20.95
N ASN A 90 6.71 29.39 -20.74
CA ASN A 90 7.80 29.51 -21.72
C ASN A 90 8.51 28.18 -21.98
N PHE A 91 8.71 27.40 -20.92
CA PHE A 91 9.30 26.06 -21.05
C PHE A 91 8.38 25.14 -21.86
N ALA A 92 7.10 25.07 -21.46
CA ALA A 92 6.11 24.28 -22.21
C ALA A 92 6.10 24.68 -23.69
N GLU A 93 6.14 25.99 -23.93
CA GLU A 93 6.13 26.49 -25.30
C GLU A 93 7.39 26.08 -26.06
N GLN A 94 8.55 26.17 -25.40
CA GLN A 94 9.82 25.76 -26.02
C GLN A 94 9.85 24.25 -26.26
N VAL A 95 9.30 23.47 -25.33
CA VAL A 95 9.21 22.02 -25.48
C VAL A 95 8.43 21.65 -26.74
N GLU A 96 7.26 22.25 -26.93
CA GLU A 96 6.46 21.95 -28.11
C GLU A 96 7.12 22.51 -29.40
N ARG A 97 7.67 23.72 -29.30
CA ARG A 97 8.39 24.35 -30.43
C ARG A 97 9.62 23.52 -30.89
N SER A 98 10.26 22.83 -29.94
CA SER A 98 11.38 21.92 -30.23
C SER A 98 10.94 20.57 -30.77
N GLY A 99 9.64 20.28 -30.70
CA GLY A 99 9.08 19.06 -31.29
C GLY A 99 8.93 17.88 -30.34
N PHE A 100 8.73 18.18 -29.06
CA PHE A 100 8.45 17.16 -28.05
C PHE A 100 7.07 17.41 -27.42
N ILE A 101 6.51 16.36 -26.82
CA ILE A 101 5.26 16.48 -26.05
C ILE A 101 5.58 16.99 -24.65
N PHE A 102 4.83 17.98 -24.17
CA PHE A 102 4.91 18.44 -22.79
C PHE A 102 3.85 17.68 -21.99
N ILE A 103 4.28 17.00 -20.93
CA ILE A 103 3.33 16.27 -20.07
C ILE A 103 2.70 17.27 -19.09
N GLY A 104 1.57 17.82 -19.52
CA GLY A 104 0.88 18.92 -18.84
C GLY A 104 -0.13 19.52 -19.81
N PRO A 105 -0.81 20.61 -19.39
CA PRO A 105 -1.76 21.24 -20.33
C PRO A 105 -1.06 22.06 -21.42
N LYS A 106 -1.85 22.59 -22.35
CA LYS A 106 -1.34 23.52 -23.38
C LYS A 106 -0.68 24.70 -22.69
N ALA A 107 0.32 25.29 -23.35
CA ALA A 107 1.04 26.44 -22.79
C ALA A 107 0.09 27.60 -22.51
N GLU A 108 -0.90 27.79 -23.39
CA GLU A 108 -1.94 28.83 -23.22
C GLU A 108 -2.68 28.68 -21.89
N THR A 109 -2.96 27.42 -21.54
CA THR A 109 -3.67 27.08 -20.31
C THR A 109 -2.81 27.34 -19.07
N ILE A 110 -1.54 26.99 -19.14
CA ILE A 110 -0.59 27.31 -18.07
C ILE A 110 -0.53 28.83 -17.85
N ARG A 111 -0.48 29.57 -18.96
CA ARG A 111 -0.38 31.02 -18.93
C ARG A 111 -1.66 31.62 -18.32
N LEU A 112 -2.81 31.09 -18.72
CA LEU A 112 -4.12 31.53 -18.23
C LEU A 112 -4.29 31.35 -16.72
N MET A 113 -3.93 30.18 -16.20
CA MET A 113 -4.00 29.91 -14.76
C MET A 113 -2.85 30.53 -13.97
N GLY A 114 -1.75 30.86 -14.66
CA GLY A 114 -0.60 31.53 -14.04
C GLY A 114 -0.88 32.98 -13.65
N ASP A 115 -1.79 33.60 -14.38
CA ASP A 115 -2.23 34.99 -14.17
C ASP A 115 -3.48 34.88 -13.28
N LYS A 116 -3.35 35.26 -12.03
CA LYS A 116 -4.39 34.99 -11.03
C LYS A 116 -5.74 35.66 -11.37
N VAL A 117 -5.66 36.89 -11.88
CA VAL A 117 -6.84 37.64 -12.30
C VAL A 117 -7.58 36.97 -13.47
N SER A 118 -6.85 36.61 -14.52
CA SER A 118 -7.46 35.94 -15.67
C SER A 118 -8.03 34.56 -15.30
N ALA A 119 -7.31 33.85 -14.43
CA ALA A 119 -7.74 32.54 -13.92
C ALA A 119 -9.09 32.61 -13.21
N ILE A 120 -9.21 33.56 -12.29
CA ILE A 120 -10.45 33.79 -11.55
C ILE A 120 -11.58 34.16 -12.51
N ALA A 121 -11.31 35.06 -13.43
CA ALA A 121 -12.29 35.45 -14.45
C ALA A 121 -12.80 34.23 -15.23
N ALA A 122 -11.89 33.34 -15.63
CA ALA A 122 -12.27 32.14 -16.36
C ALA A 122 -13.13 31.23 -15.49
N MET A 123 -12.72 31.05 -14.23
CA MET A 123 -13.45 30.20 -13.29
C MET A 123 -14.83 30.75 -12.93
N LYS A 124 -14.92 32.06 -12.72
CA LYS A 124 -16.21 32.71 -12.49
C LYS A 124 -17.17 32.51 -13.68
N LYS A 125 -16.67 32.73 -14.89
CA LYS A 125 -17.46 32.50 -16.11
C LYS A 125 -18.00 31.07 -16.20
N ALA A 126 -17.17 30.10 -15.81
CA ALA A 126 -17.52 28.68 -15.90
C ALA A 126 -18.49 28.18 -14.82
N GLY A 127 -18.72 29.00 -13.79
CA GLY A 127 -19.65 28.64 -12.71
C GLY A 127 -18.99 28.14 -11.43
N VAL A 128 -17.67 28.30 -11.33
CA VAL A 128 -16.93 27.94 -10.13
C VAL A 128 -17.03 29.09 -9.13
N PRO A 129 -17.48 28.80 -7.88
CA PRO A 129 -17.56 29.88 -6.88
C PRO A 129 -16.16 30.41 -6.52
N CYS A 130 -16.03 31.72 -6.56
CA CYS A 130 -14.79 32.41 -6.21
C CYS A 130 -15.01 33.28 -4.98
N VAL A 131 -13.91 33.79 -4.42
CA VAL A 131 -13.99 34.74 -3.31
C VAL A 131 -14.62 36.03 -3.83
N PRO A 132 -15.59 36.61 -3.08
CA PRO A 132 -16.05 37.95 -3.44
C PRO A 132 -14.84 38.87 -3.60
N GLY A 133 -14.76 39.53 -4.75
CA GLY A 133 -13.58 40.32 -5.08
C GLY A 133 -13.80 41.40 -6.12
N SER A 134 -12.68 41.99 -6.55
CA SER A 134 -12.69 43.10 -7.50
C SER A 134 -13.08 42.68 -8.92
N ASP A 135 -12.96 41.38 -9.21
CA ASP A 135 -13.20 40.84 -10.56
C ASP A 135 -12.49 41.67 -11.64
N GLY A 136 -11.18 41.78 -11.47
CA GLY A 136 -10.34 42.57 -12.36
C GLY A 136 -9.21 43.21 -11.57
N PRO A 137 -8.21 43.77 -12.28
CA PRO A 137 -7.11 44.45 -11.61
C PRO A 137 -7.57 45.78 -11.01
N LEU A 138 -6.97 46.16 -9.89
CA LEU A 138 -7.21 47.47 -9.30
C LEU A 138 -6.42 48.51 -10.07
N GLY A 139 -7.07 49.62 -10.41
CA GLY A 139 -6.41 50.75 -11.04
C GLY A 139 -5.97 51.77 -10.01
N ASP A 140 -5.73 53.00 -10.47
CA ASP A 140 -5.20 54.08 -9.63
C ASP A 140 -6.29 54.95 -8.99
N ASP A 141 -7.54 54.72 -9.39
CA ASP A 141 -8.68 55.46 -8.86
C ASP A 141 -9.07 54.93 -7.47
N MET A 142 -8.63 55.65 -6.43
CA MET A 142 -8.90 55.25 -5.05
C MET A 142 -10.37 55.31 -4.62
N ASP A 143 -11.16 56.16 -5.27
CA ASP A 143 -12.61 56.16 -5.07
C ASP A 143 -13.18 54.81 -5.53
N LYS A 144 -12.73 54.36 -6.70
CA LYS A 144 -13.16 53.08 -7.26
C LYS A 144 -12.72 51.92 -6.37
N ASN A 145 -11.48 51.99 -5.88
CA ASN A 145 -10.94 50.97 -4.98
C ASN A 145 -11.66 50.92 -3.63
N ARG A 146 -12.01 52.09 -3.09
CA ARG A 146 -12.83 52.15 -1.87
C ARG A 146 -14.23 51.55 -2.08
N ALA A 147 -14.82 51.82 -3.24
CA ALA A 147 -16.14 51.28 -3.60
C ALA A 147 -16.14 49.75 -3.71
N ILE A 148 -15.08 49.19 -4.30
CA ILE A 148 -14.89 47.74 -4.35
C ILE A 148 -14.82 47.16 -2.94
N ALA A 149 -13.98 47.77 -2.09
CA ALA A 149 -13.84 47.33 -0.71
C ALA A 149 -15.15 47.39 0.08
N LYS A 150 -15.94 48.45 -0.12
CA LYS A 150 -17.24 48.61 0.56
C LYS A 150 -18.23 47.55 0.08
N ARG A 151 -18.25 47.32 -1.22
CA ARG A 151 -19.13 46.33 -1.82
C ARG A 151 -18.80 44.93 -1.30
N ILE A 152 -17.51 44.61 -1.26
CA ILE A 152 -17.01 43.33 -0.72
C ILE A 152 -17.24 43.26 0.79
N GLY A 153 -16.89 44.33 1.49
CA GLY A 153 -16.96 44.39 2.95
C GLY A 153 -15.64 44.04 3.57
N TYR A 154 -15.10 44.94 4.40
CA TYR A 154 -13.86 44.68 5.14
C TYR A 154 -14.06 43.55 6.15
N PRO A 155 -12.97 42.81 6.48
CA PRO A 155 -11.61 42.95 5.93
C PRO A 155 -11.46 42.45 4.49
N VAL A 156 -10.54 43.07 3.76
CA VAL A 156 -10.20 42.66 2.41
C VAL A 156 -8.71 42.30 2.36
N ILE A 157 -8.30 41.67 1.26
CA ILE A 157 -6.89 41.33 1.06
C ILE A 157 -6.45 41.76 -0.34
N ILE A 158 -5.27 42.36 -0.41
CA ILE A 158 -4.68 42.74 -1.68
C ILE A 158 -3.67 41.66 -2.09
N LYS A 159 -3.82 41.15 -3.31
CA LYS A 159 -3.01 40.05 -3.81
C LYS A 159 -2.39 40.43 -5.15
N ALA A 160 -1.19 39.92 -5.41
CA ALA A 160 -0.52 40.10 -6.69
C ALA A 160 -1.01 39.07 -7.71
N SER A 161 -1.29 39.55 -8.93
CA SER A 161 -1.77 38.70 -10.02
C SER A 161 -0.70 37.75 -10.57
N GLY A 162 0.57 38.14 -10.46
CA GLY A 162 1.67 37.24 -10.80
C GLY A 162 1.91 36.14 -9.78
N GLY A 163 1.60 36.43 -8.52
CA GLY A 163 2.01 35.63 -7.36
C GLY A 163 1.53 34.20 -7.19
N GLY A 164 2.37 33.38 -6.54
CA GLY A 164 2.04 31.97 -6.27
C GLY A 164 2.26 31.55 -4.83
N GLY A 165 1.31 30.78 -4.29
CA GLY A 165 1.44 30.16 -2.96
C GLY A 165 1.12 31.02 -1.74
N GLY A 166 0.94 32.33 -1.96
CA GLY A 166 0.67 33.26 -0.88
C GLY A 166 1.74 34.34 -0.76
N ARG A 167 2.49 34.53 -1.83
CA ARG A 167 3.59 35.48 -1.87
C ARG A 167 3.11 36.93 -1.93
N GLY A 168 3.55 37.73 -0.96
CA GLY A 168 3.31 39.18 -0.94
C GLY A 168 1.86 39.64 -1.02
N MET A 169 1.12 39.42 0.06
CA MET A 169 -0.25 39.93 0.17
C MET A 169 -0.45 40.67 1.48
N ARG A 170 -1.39 41.60 1.53
CA ARG A 170 -1.71 42.29 2.77
C ARG A 170 -3.19 42.49 3.04
N VAL A 171 -3.54 42.27 4.30
CA VAL A 171 -4.89 42.41 4.82
C VAL A 171 -5.15 43.88 5.14
N VAL A 172 -6.29 44.37 4.66
CA VAL A 172 -6.73 45.73 4.93
C VAL A 172 -8.02 45.67 5.73
N ARG A 173 -8.08 46.41 6.83
CA ARG A 173 -9.24 46.35 7.71
C ARG A 173 -10.10 47.61 7.74
N GLY A 174 -9.66 48.65 7.03
CA GLY A 174 -10.43 49.87 6.86
C GLY A 174 -9.91 50.74 5.73
N ASP A 175 -10.73 51.72 5.33
CA ASP A 175 -10.37 52.72 4.32
C ASP A 175 -9.02 53.38 4.60
N ALA A 176 -8.74 53.59 5.88
CA ALA A 176 -7.53 54.30 6.33
C ALA A 176 -6.25 53.69 5.78
N GLU A 177 -6.19 52.36 5.70
CA GLU A 177 -4.98 51.66 5.28
C GLU A 177 -5.02 51.20 3.81
N LEU A 178 -6.16 51.39 3.14
CA LEU A 178 -6.36 50.84 1.79
C LEU A 178 -5.37 51.36 0.73
N ALA A 179 -5.24 52.69 0.63
CA ALA A 179 -4.34 53.31 -0.35
C ALA A 179 -2.91 52.82 -0.24
N GLN A 180 -2.36 52.84 0.97
CA GLN A 180 -0.98 52.43 1.22
C GLN A 180 -0.78 50.93 1.00
N SER A 181 -1.77 50.12 1.38
CA SER A 181 -1.72 48.68 1.22
C SER A 181 -1.67 48.28 -0.25
N ILE A 182 -2.52 48.90 -1.07
CA ILE A 182 -2.49 48.70 -2.51
C ILE A 182 -1.11 49.10 -3.05
N SER A 183 -0.67 50.29 -2.65
CA SER A 183 0.63 50.82 -3.05
C SER A 183 1.78 49.83 -2.76
N MET A 184 1.83 49.34 -1.53
CA MET A 184 2.90 48.45 -1.07
C MET A 184 2.89 47.07 -1.74
N THR A 185 1.71 46.51 -1.95
CA THR A 185 1.56 45.20 -2.61
C THR A 185 2.05 45.30 -4.06
N ARG A 186 1.71 46.43 -4.70
CA ARG A 186 2.17 46.74 -6.05
C ARG A 186 3.70 46.71 -6.17
N ALA A 187 4.38 47.31 -5.18
CA ALA A 187 5.85 47.40 -5.15
C ALA A 187 6.56 46.05 -4.98
N GLU A 188 6.06 45.22 -4.08
CA GLU A 188 6.64 43.91 -3.83
C GLU A 188 6.43 42.98 -5.03
N ALA A 189 5.31 43.18 -5.71
CA ALA A 189 5.00 42.44 -6.92
C ALA A 189 5.93 42.84 -8.08
N LYS A 190 6.30 44.12 -8.13
CA LYS A 190 7.22 44.61 -9.16
C LYS A 190 8.60 43.93 -9.03
N ALA A 191 9.05 43.74 -7.79
CA ALA A 191 10.33 43.06 -7.53
C ALA A 191 10.31 41.54 -7.82
N ALA A 192 9.16 40.91 -7.60
CA ALA A 192 9.06 39.45 -7.72
C ALA A 192 8.79 38.93 -9.14
N PHE A 193 7.89 39.61 -9.86
CA PHE A 193 7.42 39.13 -11.16
C PHE A 193 7.61 40.15 -12.27
N SER A 194 8.16 41.31 -11.92
CA SER A 194 8.17 42.49 -12.80
C SER A 194 6.76 42.77 -13.34
N ASN A 195 5.80 42.71 -12.42
CA ASN A 195 4.39 42.82 -12.71
C ASN A 195 3.70 43.39 -11.49
N ASP A 196 3.23 44.63 -11.61
CA ASP A 196 2.63 45.35 -10.49
C ASP A 196 1.11 45.20 -10.38
N MET A 197 0.55 44.28 -11.16
CA MET A 197 -0.90 44.07 -11.14
C MET A 197 -1.34 43.43 -9.84
N VAL A 198 -2.30 44.07 -9.19
CA VAL A 198 -2.90 43.58 -7.95
C VAL A 198 -4.41 43.47 -8.08
N TYR A 199 -5.00 42.66 -7.21
CA TYR A 199 -6.45 42.54 -7.14
C TYR A 199 -6.91 42.44 -5.69
N MET A 200 -8.22 42.51 -5.49
CA MET A 200 -8.78 42.50 -4.15
C MET A 200 -9.73 41.34 -3.96
N GLU A 201 -9.64 40.71 -2.79
CA GLU A 201 -10.58 39.69 -2.35
C GLU A 201 -11.05 39.99 -0.94
N LYS A 202 -12.26 39.52 -0.62
CA LYS A 202 -12.71 39.43 0.76
C LYS A 202 -11.72 38.60 1.54
N TYR A 203 -11.32 39.08 2.71
CA TYR A 203 -10.39 38.34 3.54
C TYR A 203 -11.15 37.37 4.43
N LEU A 204 -10.83 36.08 4.31
CA LEU A 204 -11.45 35.05 5.16
C LEU A 204 -10.55 34.80 6.37
N GLU A 205 -11.12 34.96 7.56
CA GLU A 205 -10.32 35.00 8.78
C GLU A 205 -9.72 33.65 9.17
N ASN A 206 -10.53 32.59 9.14
CA ASN A 206 -10.07 31.25 9.54
C ASN A 206 -10.51 30.13 8.59
N PRO A 207 -10.04 30.17 7.32
CA PRO A 207 -10.50 29.19 6.35
C PRO A 207 -9.70 27.90 6.42
N ARG A 208 -10.24 26.83 5.84
CA ARG A 208 -9.45 25.63 5.58
C ARG A 208 -8.98 25.64 4.13
N HIS A 209 -7.82 25.04 3.88
CA HIS A 209 -7.30 24.93 2.52
C HIS A 209 -7.72 23.58 1.97
N VAL A 210 -8.66 23.62 1.03
CA VAL A 210 -9.25 22.42 0.44
C VAL A 210 -9.13 22.49 -1.08
N GLU A 211 -8.52 21.46 -1.67
CA GLU A 211 -8.26 21.46 -3.10
C GLU A 211 -8.84 20.23 -3.78
N ILE A 212 -9.32 20.43 -5.01
CA ILE A 212 -9.99 19.38 -5.77
C ILE A 212 -9.05 18.86 -6.85
N GLN A 213 -8.81 17.56 -6.86
CA GLN A 213 -8.02 16.93 -7.91
C GLN A 213 -8.89 16.72 -9.15
N VAL A 214 -8.41 17.15 -10.31
CA VAL A 214 -9.05 16.83 -11.59
C VAL A 214 -8.13 16.08 -12.57
N LEU A 215 -8.75 15.39 -13.52
CA LEU A 215 -8.09 14.85 -14.71
C LEU A 215 -8.94 15.17 -15.93
N ALA A 216 -8.29 15.61 -17.01
CA ALA A 216 -8.97 15.88 -18.29
C ALA A 216 -8.12 15.40 -19.45
N ASP A 217 -8.76 14.82 -20.47
CA ASP A 217 -8.01 14.22 -21.57
C ASP A 217 -7.83 15.13 -22.78
N GLY A 218 -8.46 16.29 -22.73
CA GLY A 218 -8.49 17.24 -23.87
C GLY A 218 -9.50 16.86 -24.93
N GLN A 219 -10.26 15.78 -24.68
CA GLN A 219 -11.27 15.28 -25.62
C GLN A 219 -12.70 15.64 -25.18
N GLY A 220 -12.82 16.40 -24.10
CA GLY A 220 -14.13 16.76 -23.55
C GLY A 220 -14.46 16.00 -22.28
N ASN A 221 -13.63 15.01 -21.96
CA ASN A 221 -13.82 14.24 -20.73
C ASN A 221 -13.02 14.87 -19.60
N ALA A 222 -13.67 15.00 -18.45
CA ALA A 222 -13.04 15.59 -17.27
C ALA A 222 -13.71 15.05 -16.03
N ILE A 223 -12.90 14.54 -15.11
CA ILE A 223 -13.40 13.97 -13.87
C ILE A 223 -12.75 14.66 -12.68
N TYR A 224 -13.47 14.63 -11.55
CA TYR A 224 -12.93 15.10 -10.28
C TYR A 224 -12.68 13.90 -9.37
N LEU A 225 -11.58 13.96 -8.63
CA LEU A 225 -11.16 12.85 -7.78
C LEU A 225 -11.15 13.33 -6.34
N ALA A 226 -12.34 13.71 -5.87
CA ALA A 226 -12.57 14.23 -4.53
C ALA A 226 -11.64 15.39 -4.19
N GLU A 227 -11.34 15.53 -2.90
CA GLU A 227 -10.63 16.69 -2.42
C GLU A 227 -9.54 16.31 -1.42
N ARG A 228 -8.66 17.27 -1.14
CA ARG A 228 -7.61 17.14 -0.12
C ARG A 228 -7.65 18.33 0.79
N ASP A 229 -7.51 18.08 2.10
CA ASP A 229 -7.33 19.18 3.04
C ASP A 229 -5.83 19.37 3.28
N CYS A 230 -5.36 20.58 3.03
CA CYS A 230 -3.94 20.92 3.13
C CYS A 230 -3.67 22.04 4.14
N SER A 231 -4.59 22.19 5.10
CA SER A 231 -4.56 23.30 6.08
C SER A 231 -3.38 23.26 7.05
N MET A 232 -2.89 22.06 7.35
CA MET A 232 -1.77 21.89 8.28
C MET A 232 -0.46 22.30 7.59
N GLN A 233 0.01 23.51 7.91
CA GLN A 233 1.11 24.14 7.18
C GLN A 233 1.85 25.18 8.02
N ARG A 234 3.11 25.43 7.64
CA ARG A 234 3.95 26.41 8.33
C ARG A 234 4.67 27.26 7.29
N ARG A 235 4.48 28.58 7.39
CA ARG A 235 5.12 29.55 6.49
C ARG A 235 5.02 29.18 4.99
N HIS A 236 3.80 28.93 4.55
CA HIS A 236 3.46 28.63 3.14
C HIS A 236 3.90 27.24 2.67
N GLN A 237 4.39 26.41 3.58
CA GLN A 237 4.77 25.03 3.27
C GLN A 237 3.80 24.06 3.94
N LYS A 238 3.14 23.25 3.12
CA LYS A 238 2.30 22.16 3.64
C LYS A 238 3.16 21.18 4.46
N VAL A 239 2.58 20.65 5.53
CA VAL A 239 3.27 19.74 6.44
C VAL A 239 2.56 18.39 6.46
N VAL A 240 1.24 18.44 6.58
CA VAL A 240 0.37 17.27 6.53
C VAL A 240 -0.78 17.55 5.53
N GLU A 241 -1.11 16.56 4.71
CA GLU A 241 -2.28 16.65 3.86
C GLU A 241 -3.09 15.37 4.04
N GLU A 242 -4.40 15.46 3.76
CA GLU A 242 -5.27 14.30 3.90
C GLU A 242 -6.42 14.33 2.90
N ALA A 243 -6.94 13.15 2.60
CA ALA A 243 -8.06 12.95 1.70
C ALA A 243 -8.96 11.83 2.21
N PRO A 244 -10.30 12.02 2.16
CA PRO A 244 -10.99 13.26 1.81
C PRO A 244 -10.84 14.30 2.93
N ALA A 245 -11.41 15.49 2.72
CA ALA A 245 -11.37 16.54 3.74
C ALA A 245 -12.48 16.27 4.76
N PRO A 246 -12.13 16.24 6.06
CA PRO A 246 -13.13 16.02 7.11
C PRO A 246 -14.27 17.04 7.02
N GLY A 247 -15.48 16.57 7.27
CA GLY A 247 -16.66 17.44 7.25
C GLY A 247 -17.29 17.66 5.88
N ILE A 248 -16.57 17.29 4.81
CA ILE A 248 -17.13 17.40 3.46
C ILE A 248 -18.07 16.24 3.17
N THR A 249 -19.32 16.59 2.89
CA THR A 249 -20.38 15.63 2.58
C THR A 249 -20.25 15.17 1.12
N PRO A 250 -20.79 13.98 0.80
CA PRO A 250 -20.90 13.57 -0.60
C PRO A 250 -21.59 14.62 -1.49
N GLU A 251 -22.58 15.33 -0.93
CA GLU A 251 -23.33 16.35 -1.67
C GLU A 251 -22.47 17.57 -2.02
N LEU A 252 -21.75 18.08 -1.02
CA LEU A 252 -20.81 19.20 -1.24
C LEU A 252 -19.71 18.82 -2.21
N ARG A 253 -19.13 17.62 -2.03
CA ARG A 253 -18.11 17.07 -2.93
C ARG A 253 -18.61 17.07 -4.38
N ARG A 254 -19.80 16.51 -4.57
CA ARG A 254 -20.42 16.44 -5.89
C ARG A 254 -20.68 17.84 -6.47
N TYR A 255 -21.19 18.74 -5.63
CA TYR A 255 -21.47 20.13 -6.05
C TYR A 255 -20.20 20.82 -6.56
N ILE A 256 -19.14 20.83 -5.74
CA ILE A 256 -17.90 21.49 -6.12
C ILE A 256 -17.13 20.74 -7.21
N GLY A 257 -17.13 19.41 -7.13
CA GLY A 257 -16.45 18.57 -8.12
C GLY A 257 -16.99 18.75 -9.53
N GLU A 258 -18.32 18.76 -9.66
CA GLU A 258 -18.95 18.91 -10.97
C GLU A 258 -18.63 20.27 -11.59
N ARG A 259 -18.55 21.30 -10.75
CA ARG A 259 -18.18 22.63 -11.23
C ARG A 259 -16.74 22.71 -11.73
N CYS A 260 -15.83 22.03 -11.04
CA CYS A 260 -14.43 21.95 -11.48
C CYS A 260 -14.27 21.21 -12.81
N ALA A 261 -14.93 20.06 -12.94
CA ALA A 261 -14.92 19.27 -14.17
C ALA A 261 -15.46 20.07 -15.37
N LYS A 262 -16.56 20.78 -15.15
CA LYS A 262 -17.17 21.58 -16.19
C LYS A 262 -16.24 22.74 -16.62
N ALA A 263 -15.58 23.34 -15.63
CA ALA A 263 -14.55 24.36 -15.89
C ALA A 263 -13.40 23.80 -16.74
N CYS A 264 -12.95 22.58 -16.45
CA CYS A 264 -11.92 21.92 -17.27
C CYS A 264 -12.34 21.88 -18.73
N VAL A 265 -13.59 21.50 -18.99
CA VAL A 265 -14.12 21.45 -20.36
C VAL A 265 -14.13 22.85 -20.97
N ASP A 266 -14.60 23.84 -20.21
CA ASP A 266 -14.68 25.24 -20.66
C ASP A 266 -13.33 25.80 -21.14
N ILE A 267 -12.26 25.45 -20.45
CA ILE A 267 -10.94 26.00 -20.72
C ILE A 267 -10.08 25.08 -21.59
N GLY A 268 -10.66 23.97 -22.03
CA GLY A 268 -9.92 22.97 -22.81
C GLY A 268 -8.75 22.38 -22.04
N TYR A 269 -8.92 22.22 -20.73
CA TYR A 269 -7.86 21.63 -19.91
C TYR A 269 -7.47 20.23 -20.36
N ARG A 270 -6.17 19.93 -20.21
CA ARG A 270 -5.62 18.64 -20.57
C ARG A 270 -4.61 18.19 -19.50
N GLY A 271 -4.81 16.99 -18.96
CA GLY A 271 -3.90 16.43 -17.97
C GLY A 271 -4.42 16.51 -16.56
N ALA A 272 -3.51 16.36 -15.59
CA ALA A 272 -3.87 16.49 -14.18
C ALA A 272 -3.84 17.96 -13.80
N GLY A 273 -4.69 18.32 -12.85
CA GLY A 273 -4.73 19.68 -12.34
C GLY A 273 -5.41 19.73 -10.99
N THR A 274 -5.20 20.83 -10.28
CA THR A 274 -5.76 21.02 -8.94
C THR A 274 -6.43 22.38 -8.82
N PHE A 275 -7.71 22.37 -8.46
CA PHE A 275 -8.42 23.59 -8.10
C PHE A 275 -8.27 23.82 -6.61
N GLU A 276 -7.59 24.91 -6.23
CA GLU A 276 -7.42 25.25 -4.81
C GLU A 276 -8.57 26.14 -4.36
N PHE A 277 -9.17 25.77 -3.23
CA PHE A 277 -10.25 26.54 -2.61
C PHE A 277 -9.91 26.92 -1.19
N LEU A 278 -10.49 28.02 -0.73
CA LEU A 278 -10.61 28.27 0.69
C LEU A 278 -12.01 27.82 1.08
N PHE A 279 -12.10 27.20 2.25
CA PHE A 279 -13.34 26.63 2.74
C PHE A 279 -13.61 27.21 4.13
N GLU A 280 -14.73 27.91 4.28
CA GLU A 280 -15.11 28.51 5.55
C GLU A 280 -16.63 28.57 5.67
N ASN A 281 -17.14 28.17 6.84
CA ASN A 281 -18.58 28.16 7.13
C ASN A 281 -19.39 27.37 6.09
N GLY A 282 -18.86 26.21 5.69
CA GLY A 282 -19.53 25.35 4.72
C GLY A 282 -19.51 25.77 3.26
N GLU A 283 -18.70 26.79 2.94
CA GLU A 283 -18.68 27.40 1.60
C GLU A 283 -17.31 27.30 0.94
N PHE A 284 -17.29 26.98 -0.36
CA PHE A 284 -16.06 26.91 -1.16
C PHE A 284 -15.80 28.23 -1.92
N TYR A 285 -14.56 28.67 -1.94
CA TYR A 285 -14.16 29.85 -2.71
C TYR A 285 -12.85 29.57 -3.44
N PHE A 286 -12.90 29.56 -4.76
CA PHE A 286 -11.72 29.35 -5.59
C PHE A 286 -10.71 30.48 -5.45
N ILE A 287 -9.45 30.11 -5.24
CA ILE A 287 -8.38 31.09 -5.17
C ILE A 287 -7.38 30.97 -6.33
N GLU A 288 -7.03 29.73 -6.71
CA GLU A 288 -6.08 29.48 -7.79
C GLU A 288 -6.06 28.03 -8.25
N MET A 289 -5.55 27.81 -9.46
CA MET A 289 -5.41 26.48 -10.01
C MET A 289 -3.93 26.16 -10.26
N ASN A 290 -3.53 24.95 -9.86
CA ASN A 290 -2.21 24.40 -10.20
C ASN A 290 -2.37 23.47 -11.39
N THR A 291 -1.54 23.69 -12.41
CA THR A 291 -1.68 22.97 -13.67
C THR A 291 -0.67 21.84 -13.79
N ARG A 292 -0.18 21.38 -12.65
CA ARG A 292 0.83 20.35 -12.57
C ARG A 292 0.32 19.26 -11.63
N ILE A 293 0.99 18.11 -11.60
CA ILE A 293 0.81 17.16 -10.50
C ILE A 293 1.40 17.80 -9.24
N GLN A 294 0.86 17.45 -8.08
CA GLN A 294 1.36 18.03 -6.84
C GLN A 294 1.98 17.03 -5.90
N VAL A 295 2.77 17.55 -4.95
CA VAL A 295 3.43 16.77 -3.92
C VAL A 295 2.44 15.80 -3.29
N GLU A 296 1.27 16.33 -2.91
CA GLU A 296 0.30 15.60 -2.11
C GLU A 296 -0.65 14.66 -2.88
N HIS A 297 -0.39 14.47 -4.18
CA HIS A 297 -1.22 13.60 -5.02
C HIS A 297 -1.48 12.18 -4.46
N PRO A 298 -0.49 11.56 -3.76
CA PRO A 298 -0.71 10.19 -3.24
C PRO A 298 -1.93 9.97 -2.34
N VAL A 299 -2.31 10.93 -1.50
CA VAL A 299 -3.52 10.72 -0.66
C VAL A 299 -4.78 10.50 -1.52
N THR A 300 -4.85 11.20 -2.65
CA THR A 300 -5.98 11.07 -3.59
C THR A 300 -5.96 9.70 -4.25
N GLU A 301 -4.77 9.24 -4.60
CA GLU A 301 -4.58 7.91 -5.20
C GLU A 301 -5.07 6.79 -4.27
N MET A 302 -4.74 6.88 -2.97
CA MET A 302 -5.15 5.88 -1.97
C MET A 302 -6.66 5.75 -1.82
N ILE A 303 -7.37 6.88 -1.84
CA ILE A 303 -8.81 6.86 -1.57
C ILE A 303 -9.67 6.60 -2.83
N THR A 304 -9.04 6.67 -4.01
CA THR A 304 -9.77 6.48 -5.28
C THR A 304 -9.30 5.28 -6.10
N GLY A 305 -8.07 4.82 -5.83
CA GLY A 305 -7.47 3.74 -6.64
C GLY A 305 -6.90 4.19 -7.99
N VAL A 306 -7.01 5.48 -8.29
CA VAL A 306 -6.52 6.01 -9.57
C VAL A 306 -5.05 6.42 -9.48
N ASP A 307 -4.25 5.91 -10.40
CA ASP A 307 -2.83 6.25 -10.47
C ASP A 307 -2.73 7.51 -11.33
N LEU A 308 -2.46 8.64 -10.67
CA LEU A 308 -2.54 9.95 -11.34
C LEU A 308 -1.40 10.18 -12.30
N ILE A 309 -0.22 9.66 -11.97
CA ILE A 309 0.94 9.77 -12.86
C ILE A 309 0.73 8.95 -14.13
N LYS A 310 0.28 7.71 -13.97
CA LYS A 310 0.01 6.88 -15.16
C LYS A 310 -1.06 7.55 -16.03
N GLU A 311 -2.05 8.19 -15.40
CA GLU A 311 -3.05 8.94 -16.16
C GLU A 311 -2.43 10.09 -16.95
N GLN A 312 -1.53 10.86 -16.32
CA GLN A 312 -0.82 11.92 -17.04
C GLN A 312 -0.13 11.41 -18.30
N LEU A 313 0.53 10.26 -18.17
CA LEU A 313 1.30 9.66 -19.25
C LEU A 313 0.38 9.12 -20.34
N ARG A 314 -0.72 8.48 -19.95
CA ARG A 314 -1.75 8.06 -20.91
C ARG A 314 -2.33 9.24 -21.68
N ILE A 315 -2.72 10.29 -20.97
CA ILE A 315 -3.27 11.51 -21.58
C ILE A 315 -2.28 12.16 -22.56
N ALA A 316 -1.00 12.20 -22.16
CA ALA A 316 0.06 12.76 -23.01
C ALA A 316 0.27 11.95 -24.30
N ALA A 317 -0.01 10.65 -24.23
CA ALA A 317 0.02 9.79 -25.41
C ALA A 317 -1.23 9.94 -26.28
N GLY A 318 -2.12 10.84 -25.91
CA GLY A 318 -3.37 11.11 -26.65
C GLY A 318 -4.50 10.12 -26.38
N GLN A 319 -4.43 9.42 -25.26
CA GLN A 319 -5.48 8.46 -24.88
C GLN A 319 -6.61 9.18 -24.12
N PRO A 320 -7.85 8.67 -24.24
CA PRO A 320 -8.94 9.25 -23.46
C PRO A 320 -8.83 8.82 -22.00
N LEU A 321 -9.57 9.48 -21.11
CA LEU A 321 -9.57 9.08 -19.71
C LEU A 321 -9.90 7.59 -19.56
N SER A 322 -9.16 6.93 -18.67
CA SER A 322 -9.29 5.50 -18.47
C SER A 322 -10.54 5.13 -17.66
N ILE A 323 -11.16 6.13 -17.04
CA ILE A 323 -12.37 5.91 -16.22
C ILE A 323 -13.39 7.04 -16.34
N LYS A 324 -14.65 6.70 -16.11
CA LYS A 324 -15.75 7.67 -16.06
C LYS A 324 -15.99 8.11 -14.62
N GLN A 325 -16.66 9.25 -14.46
CA GLN A 325 -16.97 9.82 -13.15
C GLN A 325 -17.73 8.85 -12.25
N GLU A 326 -18.76 8.21 -12.80
CA GLU A 326 -19.58 7.23 -12.08
C GLU A 326 -18.77 6.06 -11.51
N GLU A 327 -17.57 5.84 -12.07
CA GLU A 327 -16.65 4.78 -11.64
C GLU A 327 -15.65 5.25 -10.57
N VAL A 328 -15.61 6.56 -10.33
CA VAL A 328 -14.76 7.11 -9.28
C VAL A 328 -15.49 7.04 -7.95
N HIS A 329 -14.89 6.34 -6.99
CA HIS A 329 -15.50 6.16 -5.67
C HIS A 329 -14.52 6.47 -4.53
N VAL A 330 -14.91 7.40 -3.66
CA VAL A 330 -14.16 7.70 -2.43
C VAL A 330 -14.32 6.54 -1.44
N ARG A 331 -13.20 5.94 -1.07
CA ARG A 331 -13.20 4.83 -0.12
C ARG A 331 -12.08 5.02 0.89
N GLY A 332 -12.43 4.97 2.17
CA GLY A 332 -11.45 5.09 3.24
C GLY A 332 -10.90 6.50 3.39
N HIS A 333 -9.67 6.57 3.90
CA HIS A 333 -9.08 7.84 4.26
C HIS A 333 -7.57 7.70 4.23
N ALA A 334 -6.89 8.75 3.77
CA ALA A 334 -5.43 8.77 3.70
C ALA A 334 -4.83 10.06 4.27
N VAL A 335 -3.69 9.92 4.93
CA VAL A 335 -2.94 11.05 5.47
C VAL A 335 -1.51 10.94 4.96
N GLU A 336 -0.95 12.06 4.54
CA GLU A 336 0.44 12.13 4.15
C GLU A 336 1.22 13.04 5.12
N CYS A 337 2.34 12.53 5.60
CA CYS A 337 3.28 13.34 6.35
C CYS A 337 4.52 13.58 5.49
N ARG A 338 4.84 14.85 5.24
CA ARG A 338 6.07 15.20 4.55
C ARG A 338 7.26 15.03 5.48
N ILE A 339 8.28 14.32 5.00
CA ILE A 339 9.51 14.15 5.78
C ILE A 339 10.57 15.09 5.24
N ASN A 340 11.01 16.01 6.10
CA ASN A 340 11.97 17.03 5.74
C ASN A 340 13.30 16.82 6.45
N ALA A 341 14.40 17.06 5.74
CA ALA A 341 15.71 17.13 6.36
C ALA A 341 15.89 18.55 6.88
N GLU A 342 15.51 18.78 8.13
CA GLU A 342 15.50 20.11 8.70
C GLU A 342 15.81 20.10 10.19
N ASP A 343 16.48 21.17 10.64
CA ASP A 343 16.77 21.36 12.04
C ASP A 343 15.48 21.74 12.77
N PRO A 344 15.16 21.03 13.86
CA PRO A 344 13.90 21.21 14.61
C PRO A 344 13.79 22.57 15.31
N ASN A 345 14.92 23.22 15.55
CA ASN A 345 14.93 24.49 16.25
C ASN A 345 14.96 25.70 15.32
N THR A 346 15.62 25.56 14.17
CA THR A 346 15.75 26.67 13.22
C THR A 346 14.79 26.55 12.03
N PHE A 347 14.30 25.34 11.80
CA PHE A 347 13.51 24.99 10.61
C PHE A 347 14.26 25.25 9.29
N LEU A 348 15.59 25.33 9.40
CA LEU A 348 16.44 25.45 8.22
C LEU A 348 16.73 24.06 7.69
N PRO A 349 16.95 23.94 6.35
CA PRO A 349 17.36 22.67 5.77
C PRO A 349 18.59 22.10 6.50
N SER A 350 18.58 20.79 6.72
CA SER A 350 19.70 20.12 7.36
C SER A 350 20.24 18.96 6.49
N PRO A 351 21.06 19.30 5.48
CA PRO A 351 21.60 18.28 4.58
C PRO A 351 22.69 17.43 5.25
N GLY A 352 23.08 16.36 4.58
CA GLY A 352 24.13 15.50 5.09
C GLY A 352 23.95 14.05 4.69
N LYS A 353 24.81 13.19 5.23
CA LYS A 353 24.79 11.77 4.88
C LYS A 353 23.91 10.97 5.83
N ILE A 354 22.99 10.21 5.25
CA ILE A 354 22.18 9.26 6.00
C ILE A 354 23.02 8.01 6.27
N THR A 355 23.18 7.66 7.54
CA THR A 355 24.03 6.54 7.96
C THR A 355 23.26 5.24 8.22
N ARG A 356 22.00 5.36 8.58
CA ARG A 356 21.12 4.22 8.77
C ARG A 356 19.73 4.62 8.31
N PHE A 357 19.11 3.75 7.53
CA PHE A 357 17.76 4.00 7.06
C PHE A 357 16.89 2.76 7.13
N HIS A 358 15.70 2.92 7.68
CA HIS A 358 14.70 1.88 7.57
C HIS A 358 13.33 2.47 7.27
N ALA A 359 12.72 2.00 6.19
CA ALA A 359 11.39 2.42 5.79
C ALA A 359 10.32 1.63 6.57
N PRO A 360 9.22 2.31 6.98
CA PRO A 360 8.13 1.57 7.59
C PRO A 360 7.43 0.72 6.54
N GLY A 361 6.81 -0.37 6.97
CA GLY A 361 6.01 -1.18 6.07
C GLY A 361 4.66 -1.50 6.69
N GLY A 362 3.96 -2.45 6.10
CA GLY A 362 2.69 -2.91 6.68
C GLY A 362 1.49 -2.57 5.84
N PHE A 363 0.33 -3.04 6.31
CA PHE A 363 -0.93 -2.83 5.61
C PHE A 363 -1.29 -1.34 5.62
N GLY A 364 -1.54 -0.79 4.44
CA GLY A 364 -1.97 0.60 4.29
C GLY A 364 -0.85 1.61 4.33
N VAL A 365 0.40 1.15 4.33
CA VAL A 365 1.56 2.03 4.47
C VAL A 365 2.24 2.21 3.12
N ARG A 366 2.34 3.46 2.67
CA ARG A 366 3.00 3.79 1.41
C ARG A 366 4.16 4.76 1.64
N TRP A 367 5.35 4.37 1.18
CA TRP A 367 6.58 5.15 1.38
C TRP A 367 7.08 5.66 0.04
N GLU A 368 7.07 6.99 -0.11
CA GLU A 368 7.53 7.66 -1.33
C GLU A 368 8.80 8.45 -1.07
N SER A 369 9.95 7.84 -1.36
CA SER A 369 11.24 8.50 -1.16
C SER A 369 12.37 7.88 -1.97
N HIS A 370 13.27 8.74 -2.42
CA HIS A 370 14.53 8.35 -3.08
C HIS A 370 15.65 8.01 -2.09
N ILE A 371 15.45 8.30 -0.80
CA ILE A 371 16.55 8.13 0.15
C ILE A 371 16.88 6.65 0.42
N TYR A 372 18.16 6.41 0.68
CA TYR A 372 18.67 5.09 1.07
C TYR A 372 19.85 5.24 2.03
N ALA A 373 20.21 4.16 2.72
CA ALA A 373 21.37 4.18 3.63
C ALA A 373 22.64 4.49 2.84
N GLY A 374 23.40 5.48 3.30
CA GLY A 374 24.61 5.92 2.60
C GLY A 374 24.41 7.09 1.64
N TYR A 375 23.15 7.47 1.42
CA TYR A 375 22.81 8.59 0.53
C TYR A 375 23.08 9.92 1.22
N THR A 376 23.68 10.84 0.48
CA THR A 376 23.91 12.20 0.97
C THR A 376 22.87 13.16 0.40
N VAL A 377 22.14 13.79 1.31
CA VAL A 377 21.19 14.83 0.98
C VAL A 377 22.00 16.08 0.66
N PRO A 378 21.96 16.56 -0.60
CA PRO A 378 22.73 17.75 -0.99
C PRO A 378 22.12 19.04 -0.44
N PRO A 379 22.94 20.08 -0.25
CA PRO A 379 22.43 21.35 0.26
C PRO A 379 21.65 22.23 -0.74
N TYR A 380 21.63 21.85 -2.02
CA TYR A 380 21.22 22.78 -3.08
C TYR A 380 19.72 22.86 -3.37
N TYR A 381 18.94 21.93 -2.83
CA TYR A 381 17.54 21.78 -3.22
C TYR A 381 16.59 21.87 -2.03
N ASP A 382 15.32 21.51 -2.22
CA ASP A 382 14.33 21.61 -1.16
C ASP A 382 14.61 20.59 -0.04
N SER A 383 14.04 20.84 1.13
CA SER A 383 14.31 20.04 2.32
C SER A 383 13.54 18.72 2.34
N MET A 384 12.48 18.61 1.54
CA MET A 384 11.66 17.42 1.55
C MET A 384 12.38 16.22 0.95
N ILE A 385 12.62 15.21 1.77
CA ILE A 385 13.36 14.02 1.34
C ILE A 385 12.48 12.78 1.14
N GLY A 386 11.25 12.83 1.63
CA GLY A 386 10.31 11.72 1.49
C GLY A 386 8.89 12.06 1.90
N LYS A 387 7.96 11.17 1.60
CA LYS A 387 6.56 11.33 1.97
C LYS A 387 6.05 10.01 2.49
N LEU A 388 5.44 10.05 3.67
CA LEU A 388 4.89 8.87 4.29
C LEU A 388 3.37 8.97 4.22
N ILE A 389 2.74 7.99 3.59
CA ILE A 389 1.31 8.02 3.34
C ILE A 389 0.66 6.78 3.93
N CYS A 390 -0.30 6.99 4.82
CA CYS A 390 -1.01 5.88 5.42
C CYS A 390 -2.49 5.95 5.11
N TYR A 391 -3.02 4.81 4.70
CA TYR A 391 -4.44 4.66 4.38
C TYR A 391 -5.10 3.79 5.44
N GLY A 392 -6.36 4.07 5.72
CA GLY A 392 -7.22 3.18 6.49
C GLY A 392 -8.66 3.27 6.04
N GLU A 393 -9.50 2.36 6.53
CA GLU A 393 -10.94 2.36 6.20
C GLU A 393 -11.67 3.61 6.74
N ASN A 394 -11.06 4.25 7.73
CA ASN A 394 -11.53 5.55 8.22
C ASN A 394 -10.34 6.40 8.68
N ARG A 395 -10.61 7.67 8.98
CA ARG A 395 -9.58 8.64 9.39
C ARG A 395 -8.80 8.21 10.65
N ASP A 396 -9.52 7.71 11.67
CA ASP A 396 -8.87 7.22 12.88
C ASP A 396 -7.87 6.11 12.60
N VAL A 397 -8.26 5.15 11.76
CA VAL A 397 -7.35 4.07 11.37
C VAL A 397 -6.10 4.62 10.64
N ALA A 398 -6.30 5.53 9.70
CA ALA A 398 -5.21 6.16 8.96
C ALA A 398 -4.21 6.86 9.90
N ILE A 399 -4.74 7.59 10.88
CA ILE A 399 -3.91 8.33 11.84
C ILE A 399 -3.13 7.38 12.76
N ALA A 400 -3.82 6.34 13.24
CA ALA A 400 -3.18 5.32 14.10
C ALA A 400 -2.05 4.63 13.35
N ARG A 401 -2.30 4.26 12.08
CA ARG A 401 -1.27 3.69 11.23
C ARG A 401 -0.08 4.65 11.02
N MET A 402 -0.38 5.92 10.79
CA MET A 402 0.66 6.95 10.62
C MET A 402 1.55 7.08 11.86
N LYS A 403 0.92 7.10 13.04
CA LYS A 403 1.67 7.15 14.31
C LYS A 403 2.68 6.02 14.40
N ASN A 404 2.25 4.81 14.06
CA ASN A 404 3.11 3.64 14.14
C ASN A 404 4.20 3.62 13.06
N ALA A 405 3.85 4.08 11.86
CA ALA A 405 4.80 4.13 10.74
C ALA A 405 5.91 5.16 11.01
N LEU A 406 5.53 6.30 11.57
CA LEU A 406 6.46 7.36 11.93
C LEU A 406 7.48 6.91 12.99
N GLN A 407 7.00 6.16 13.98
CA GLN A 407 7.87 5.59 15.02
C GLN A 407 8.79 4.51 14.46
N GLU A 408 8.32 3.82 13.42
CA GLU A 408 9.09 2.75 12.77
C GLU A 408 10.18 3.29 11.85
N LEU A 409 9.93 4.48 11.28
CA LEU A 409 10.86 5.13 10.37
C LEU A 409 12.18 5.48 11.05
N ILE A 410 13.28 5.04 10.45
CA ILE A 410 14.62 5.39 10.93
C ILE A 410 15.37 6.15 9.84
N ILE A 411 15.75 7.40 10.14
CA ILE A 411 16.66 8.17 9.32
C ILE A 411 17.73 8.78 10.24
N ASP A 412 18.88 8.10 10.30
CA ASP A 412 20.00 8.54 11.14
C ASP A 412 21.03 9.28 10.31
N GLY A 413 21.77 10.17 10.98
CA GLY A 413 22.86 10.92 10.33
C GLY A 413 22.47 12.33 9.98
N ILE A 414 21.18 12.58 9.79
CA ILE A 414 20.66 13.92 9.52
C ILE A 414 19.51 14.24 10.47
N LYS A 415 19.18 15.52 10.59
CA LYS A 415 18.04 15.96 11.39
C LYS A 415 16.79 15.96 10.53
N THR A 416 15.67 15.51 11.11
CA THR A 416 14.39 15.46 10.38
C THR A 416 13.24 16.01 11.22
N ASN A 417 12.09 16.20 10.57
CA ASN A 417 10.88 16.65 11.24
C ASN A 417 9.96 15.51 11.71
N VAL A 418 10.50 14.29 11.84
CA VAL A 418 9.71 13.12 12.23
C VAL A 418 9.03 13.34 13.58
N ASP A 419 9.79 13.85 14.56
CA ASP A 419 9.25 14.12 15.90
C ASP A 419 8.11 15.14 15.88
N LEU A 420 8.22 16.15 15.01
CA LEU A 420 7.12 17.09 14.83
C LEU A 420 5.88 16.42 14.24
N GLN A 421 6.09 15.55 13.25
CA GLN A 421 4.99 14.83 12.62
C GLN A 421 4.23 13.98 13.65
N ILE A 422 4.99 13.28 14.49
CA ILE A 422 4.47 12.50 15.62
C ILE A 422 3.65 13.37 16.58
N ARG A 423 4.17 14.55 16.91
CA ARG A 423 3.45 15.55 17.71
C ARG A 423 2.11 15.93 17.09
N ILE A 424 2.10 16.17 15.78
CA ILE A 424 0.88 16.58 15.08
C ILE A 424 -0.16 15.45 15.08
N MET A 425 0.29 14.21 14.87
CA MET A 425 -0.62 13.05 14.89
C MET A 425 -1.25 12.86 16.26
N ASN A 426 -0.51 13.26 17.31
CA ASN A 426 -0.97 13.18 18.69
C ASN A 426 -1.73 14.42 19.17
N ASP A 427 -1.83 15.43 18.30
CA ASP A 427 -2.52 16.67 18.62
C ASP A 427 -4.04 16.44 18.66
N GLU A 428 -4.67 16.79 19.79
CA GLU A 428 -6.11 16.53 19.98
C GLU A 428 -7.02 17.25 19.00
N ASN A 429 -6.61 18.44 18.55
CA ASN A 429 -7.38 19.19 17.57
C ASN A 429 -7.26 18.61 16.16
N PHE A 430 -6.07 18.13 15.82
CA PHE A 430 -5.89 17.37 14.58
C PHE A 430 -6.68 16.06 14.62
N GLN A 431 -6.72 15.42 15.78
CA GLN A 431 -7.46 14.17 15.95
C GLN A 431 -8.95 14.36 15.75
N HIS A 432 -9.48 15.50 16.23
CA HIS A 432 -10.86 15.90 15.97
C HIS A 432 -11.06 16.16 14.47
N GLY A 433 -10.10 16.86 13.86
CA GLY A 433 -10.15 17.19 12.45
C GLY A 433 -10.69 18.58 12.18
N GLY A 434 -10.44 19.09 10.98
CA GLY A 434 -10.99 20.38 10.55
C GLY A 434 -10.25 21.63 11.01
N THR A 435 -9.03 21.49 11.50
CA THR A 435 -8.24 22.65 11.92
C THR A 435 -7.96 23.56 10.72
N ASN A 436 -7.89 24.87 10.97
CA ASN A 436 -7.73 25.84 9.90
C ASN A 436 -6.27 26.10 9.50
N ILE A 437 -6.06 26.96 8.51
CA ILE A 437 -4.71 27.21 7.95
C ILE A 437 -3.73 27.86 8.94
N HIS A 438 -4.25 28.46 10.00
CA HIS A 438 -3.41 29.16 10.97
C HIS A 438 -3.01 28.26 12.14
N TYR A 439 -3.54 27.04 12.18
CA TYR A 439 -3.41 26.19 13.37
C TYR A 439 -2.00 25.81 13.78
N LEU A 440 -1.20 25.26 12.84
CA LEU A 440 0.13 24.75 13.21
C LEU A 440 1.06 25.83 13.78
N GLU A 441 1.08 27.00 13.12
CA GLU A 441 1.89 28.14 13.58
C GLU A 441 1.44 28.65 14.97
N LYS A 442 0.14 28.67 15.21
CA LYS A 442 -0.45 29.00 16.52
C LYS A 442 -0.05 27.98 17.59
N LYS A 443 -0.16 26.70 17.24
CA LYS A 443 0.26 25.58 18.09
C LYS A 443 1.75 25.65 18.44
N LEU A 444 2.58 25.94 17.44
CA LEU A 444 4.03 26.01 17.62
C LEU A 444 4.47 27.26 18.37
N GLY A 445 3.62 28.30 18.34
CA GLY A 445 3.85 29.51 19.11
C GLY A 445 3.60 29.34 20.60
N LEU A 446 2.80 28.32 20.95
CA LEU A 446 2.53 27.97 22.34
C LEU A 446 3.65 27.09 22.91
N GLN A 447 4.14 27.34 24.01
N MET B 1 -10.86 -4.12 24.26
CA MET B 1 -9.70 -4.66 23.51
C MET B 1 -8.69 -5.27 24.49
N LEU B 2 -8.02 -6.33 24.05
CA LEU B 2 -7.00 -7.03 24.85
C LEU B 2 -5.94 -6.06 25.36
N ASP B 3 -5.64 -6.10 26.65
CA ASP B 3 -4.63 -5.18 27.23
C ASP B 3 -3.23 -5.45 26.69
N LYS B 4 -2.88 -6.74 26.63
CA LYS B 4 -1.50 -7.15 26.38
C LYS B 4 -1.52 -8.57 25.85
N ILE B 5 -0.77 -8.80 24.78
CA ILE B 5 -0.67 -10.15 24.22
C ILE B 5 0.78 -10.58 24.03
N VAL B 6 0.98 -11.89 24.10
CA VAL B 6 2.24 -12.51 23.74
C VAL B 6 2.16 -12.86 22.25
N ILE B 7 3.18 -12.45 21.51
CA ILE B 7 3.30 -12.86 20.11
C ILE B 7 4.16 -14.11 20.09
N ALA B 8 3.50 -15.27 20.00
CA ALA B 8 4.19 -16.56 20.08
C ALA B 8 4.66 -17.01 18.72
N ASN B 9 5.53 -16.20 18.13
CA ASN B 9 6.08 -16.47 16.81
C ASN B 9 7.30 -15.58 16.59
N ARG B 10 7.79 -15.54 15.34
CA ARG B 10 9.03 -14.86 15.01
C ARG B 10 8.93 -14.31 13.60
N GLY B 11 10.00 -13.64 13.15
CA GLY B 11 10.14 -13.22 11.76
C GLY B 11 9.05 -12.28 11.29
N GLU B 12 8.65 -12.44 10.03
CA GLU B 12 7.74 -11.48 9.41
C GLU B 12 6.35 -11.49 10.04
N ILE B 13 5.84 -12.67 10.41
CA ILE B 13 4.47 -12.75 10.96
C ILE B 13 4.37 -12.12 12.36
N ALA B 14 5.44 -12.22 13.14
CA ALA B 14 5.50 -11.58 14.45
C ALA B 14 5.44 -10.06 14.32
N LEU B 15 6.15 -9.53 13.34
CA LEU B 15 6.11 -8.10 13.04
C LEU B 15 4.73 -7.66 12.54
N ARG B 16 4.13 -8.47 11.66
CA ARG B 16 2.77 -8.24 11.17
C ARG B 16 1.78 -8.10 12.34
N ILE B 17 1.87 -9.02 13.30
CA ILE B 17 1.00 -9.02 14.46
C ILE B 17 1.29 -7.81 15.37
N LEU B 18 2.57 -7.52 15.57
CA LEU B 18 2.96 -6.37 16.37
C LEU B 18 2.33 -5.06 15.84
N ARG B 19 2.38 -4.87 14.52
CA ARG B 19 1.83 -3.64 13.93
C ARG B 19 0.31 -3.53 14.18
N ALA B 20 -0.40 -4.62 14.02
CA ALA B 20 -1.85 -4.66 14.31
C ALA B 20 -2.14 -4.32 15.78
N CYS B 21 -1.34 -4.88 16.69
CA CYS B 21 -1.40 -4.57 18.12
C CYS B 21 -1.18 -3.09 18.42
N LYS B 22 -0.11 -2.53 17.88
CA LYS B 22 0.20 -1.10 18.02
C LYS B 22 -0.96 -0.22 17.57
N GLU B 23 -1.52 -0.55 16.40
CA GLU B 23 -2.68 0.15 15.85
C GLU B 23 -3.86 0.13 16.80
N LEU B 24 -4.06 -0.99 17.49
CA LEU B 24 -5.20 -1.15 18.39
C LEU B 24 -4.91 -0.76 19.84
N GLY B 25 -3.70 -0.27 20.10
CA GLY B 25 -3.28 0.12 21.45
C GLY B 25 -3.06 -1.06 22.37
N ILE B 26 -2.81 -2.23 21.79
CA ILE B 26 -2.58 -3.45 22.56
C ILE B 26 -1.08 -3.55 22.86
N LYS B 27 -0.74 -3.70 24.13
CA LYS B 27 0.66 -3.89 24.54
C LYS B 27 1.20 -5.23 24.03
N THR B 28 2.49 -5.26 23.70
CA THR B 28 3.06 -6.44 23.09
C THR B 28 4.15 -7.05 23.96
N VAL B 29 4.15 -8.38 24.01
CA VAL B 29 5.24 -9.14 24.61
C VAL B 29 5.85 -9.99 23.50
N ALA B 30 7.13 -9.77 23.22
CA ALA B 30 7.82 -10.56 22.22
C ALA B 30 8.60 -11.66 22.92
N VAL B 31 8.14 -12.90 22.77
CA VAL B 31 8.90 -14.05 23.22
C VAL B 31 9.82 -14.52 22.09
N HIS B 32 11.07 -14.78 22.43
CA HIS B 32 12.08 -15.08 21.41
C HIS B 32 13.13 -16.07 21.92
N SER B 33 13.71 -16.80 20.98
CA SER B 33 14.87 -17.62 21.26
C SER B 33 16.10 -16.73 21.45
N SER B 34 17.16 -17.32 21.99
CA SER B 34 18.46 -16.66 22.14
C SER B 34 19.09 -16.22 20.80
N ALA B 35 18.64 -16.81 19.68
CA ALA B 35 19.15 -16.44 18.35
C ALA B 35 18.38 -15.29 17.72
N ASP B 36 17.29 -14.87 18.38
CA ASP B 36 16.35 -13.92 17.80
C ASP B 36 16.22 -12.62 18.59
N ARG B 37 17.25 -12.28 19.37
CA ARG B 37 17.24 -11.05 20.18
C ARG B 37 17.16 -9.79 19.34
N ASP B 38 17.65 -9.87 18.11
CA ASP B 38 17.71 -8.69 17.23
C ASP B 38 16.67 -8.68 16.11
N LEU B 39 15.66 -9.55 16.21
CA LEU B 39 14.49 -9.47 15.33
C LEU B 39 13.86 -8.09 15.41
N LYS B 40 13.42 -7.57 14.27
CA LYS B 40 12.78 -6.25 14.20
C LYS B 40 11.64 -6.09 15.21
N HIS B 41 10.73 -7.06 15.28
CA HIS B 41 9.57 -6.97 16.18
C HIS B 41 9.97 -7.07 17.66
N VAL B 42 11.05 -7.81 17.95
CA VAL B 42 11.59 -7.89 19.30
C VAL B 42 12.07 -6.51 19.75
N LEU B 43 12.77 -5.83 18.85
CA LEU B 43 13.29 -4.48 19.10
C LEU B 43 12.19 -3.42 19.26
N LEU B 44 11.03 -3.67 18.65
CA LEU B 44 9.90 -2.75 18.69
C LEU B 44 8.88 -3.05 19.78
N ALA B 45 8.95 -4.25 20.36
CA ALA B 45 7.95 -4.70 21.34
C ALA B 45 8.04 -3.96 22.66
N ASP B 46 6.92 -3.89 23.37
CA ASP B 46 6.86 -3.22 24.68
C ASP B 46 7.68 -3.98 25.73
N GLU B 47 7.60 -5.31 25.67
CA GLU B 47 8.32 -6.20 26.58
C GLU B 47 8.87 -7.38 25.78
N THR B 48 10.01 -7.90 26.22
CA THR B 48 10.63 -9.06 25.57
C THR B 48 10.98 -10.12 26.62
N VAL B 49 10.86 -11.38 26.25
CA VAL B 49 11.24 -12.48 27.13
C VAL B 49 11.97 -13.55 26.31
N CYS B 50 13.18 -13.87 26.71
CA CYS B 50 13.88 -14.96 26.05
C CYS B 50 13.34 -16.28 26.61
N ILE B 51 12.72 -17.06 25.74
CA ILE B 51 12.04 -18.30 26.13
C ILE B 51 12.83 -19.59 25.93
N GLY B 52 14.04 -19.48 25.38
CA GLY B 52 14.91 -20.64 25.26
C GLY B 52 16.03 -20.49 24.25
N PRO B 53 16.84 -21.56 24.08
CA PRO B 53 17.94 -21.53 23.13
C PRO B 53 17.42 -21.54 21.69
N ALA B 54 18.35 -21.52 20.74
CA ALA B 54 18.03 -21.37 19.32
C ALA B 54 17.05 -22.39 18.71
N PRO B 55 17.27 -23.72 18.92
CA PRO B 55 16.36 -24.66 18.29
C PRO B 55 14.89 -24.42 18.66
N SER B 56 14.02 -24.45 17.65
CA SER B 56 12.58 -24.18 17.84
C SER B 56 11.96 -25.08 18.91
N VAL B 57 12.36 -26.35 18.93
CA VAL B 57 11.82 -27.31 19.89
C VAL B 57 11.95 -26.83 21.36
N LYS B 58 13.02 -26.10 21.66
CA LYS B 58 13.24 -25.57 23.01
C LYS B 58 12.86 -24.09 23.20
N SER B 59 12.35 -23.47 22.14
CA SER B 59 11.92 -22.08 22.22
C SER B 59 10.48 -21.91 21.71
N TYR B 60 10.30 -21.76 20.41
CA TYR B 60 8.98 -21.47 19.84
C TYR B 60 7.97 -22.61 19.92
N LEU B 61 8.45 -23.81 20.24
CA LEU B 61 7.56 -24.97 20.45
C LEU B 61 7.54 -25.38 21.92
N ASN B 62 8.16 -24.57 22.78
CA ASN B 62 8.29 -24.86 24.20
C ASN B 62 7.07 -24.29 24.95
N ILE B 63 6.06 -25.13 25.10
CA ILE B 63 4.78 -24.71 25.72
C ILE B 63 4.93 -24.12 27.13
N PRO B 64 5.60 -24.84 28.07
CA PRO B 64 5.78 -24.26 29.40
C PRO B 64 6.48 -22.90 29.41
N ALA B 65 7.49 -22.71 28.57
CA ALA B 65 8.23 -21.45 28.55
C ALA B 65 7.37 -20.29 28.02
N ILE B 66 6.57 -20.56 26.99
CA ILE B 66 5.67 -19.55 26.43
C ILE B 66 4.58 -19.16 27.42
N ILE B 67 3.97 -20.15 28.07
CA ILE B 67 2.94 -19.88 29.08
C ILE B 67 3.52 -19.10 30.27
N SER B 68 4.72 -19.48 30.72
CA SER B 68 5.42 -18.77 31.80
C SER B 68 5.66 -17.31 31.49
N ALA B 69 6.13 -17.04 30.26
CA ALA B 69 6.38 -15.68 29.80
C ALA B 69 5.08 -14.86 29.81
N ALA B 70 4.00 -15.47 29.36
CA ALA B 70 2.68 -14.84 29.35
C ALA B 70 2.18 -14.54 30.75
N GLU B 71 2.50 -15.43 31.69
CA GLU B 71 2.12 -15.23 33.10
C GLU B 71 2.94 -14.12 33.77
N ILE B 72 4.26 -14.17 33.60
CA ILE B 72 5.15 -13.22 34.27
C ILE B 72 4.95 -11.78 33.77
N THR B 73 4.58 -11.62 32.50
CA THR B 73 4.40 -10.30 31.91
C THR B 73 2.99 -9.75 32.10
N GLY B 74 2.08 -10.59 32.58
CA GLY B 74 0.71 -10.13 32.84
C GLY B 74 -0.13 -9.98 31.59
N ALA B 75 0.22 -10.76 30.56
CA ALA B 75 -0.52 -10.81 29.31
C ALA B 75 -1.89 -11.45 29.51
N VAL B 76 -2.83 -11.15 28.61
CA VAL B 76 -4.17 -11.78 28.68
C VAL B 76 -4.47 -12.71 27.52
N ALA B 77 -3.63 -12.66 26.48
CA ALA B 77 -3.88 -13.44 25.27
C ALA B 77 -2.58 -13.84 24.58
N ILE B 78 -2.67 -14.87 23.73
CA ILE B 78 -1.51 -15.37 23.01
C ILE B 78 -1.87 -15.57 21.54
N HIS B 79 -1.15 -14.88 20.65
CA HIS B 79 -1.31 -15.07 19.23
C HIS B 79 -0.21 -16.01 18.71
N PRO B 80 -0.61 -17.18 18.19
CA PRO B 80 0.38 -18.18 17.74
C PRO B 80 0.94 -17.97 16.32
N GLY B 81 0.42 -16.97 15.60
CA GLY B 81 0.82 -16.70 14.21
C GLY B 81 0.48 -17.89 13.34
N TYR B 82 1.41 -18.29 12.47
CA TYR B 82 1.26 -19.52 11.69
C TYR B 82 2.45 -20.43 11.95
N GLY B 83 2.34 -21.69 11.55
CA GLY B 83 3.36 -22.69 11.87
C GLY B 83 3.47 -22.86 13.38
N PHE B 84 4.64 -23.30 13.84
CA PHE B 84 4.90 -23.57 15.25
C PHE B 84 3.73 -24.27 15.98
N LEU B 85 3.11 -23.59 16.94
CA LEU B 85 2.04 -24.18 17.75
C LEU B 85 0.63 -23.74 17.37
N SER B 86 0.50 -23.07 16.22
CA SER B 86 -0.79 -22.49 15.82
C SER B 86 -1.90 -23.54 15.56
N GLU B 87 -1.51 -24.73 15.12
CA GLU B 87 -2.43 -25.85 14.93
C GLU B 87 -2.18 -26.97 15.95
N ASN B 88 -1.63 -26.61 17.11
CA ASN B 88 -1.39 -27.56 18.17
C ASN B 88 -2.57 -27.48 19.15
N ALA B 89 -3.46 -28.47 19.13
CA ALA B 89 -4.67 -28.44 19.95
C ALA B 89 -4.36 -28.41 21.44
N ASN B 90 -3.35 -29.20 21.83
CA ASN B 90 -2.91 -29.27 23.22
C ASN B 90 -2.44 -27.90 23.75
N PHE B 91 -1.72 -27.16 22.90
CA PHE B 91 -1.29 -25.81 23.24
C PHE B 91 -2.49 -24.90 23.44
N ALA B 92 -3.41 -24.88 22.47
CA ALA B 92 -4.63 -24.04 22.58
C ALA B 92 -5.36 -24.33 23.89
N GLU B 93 -5.50 -25.61 24.21
CA GLU B 93 -6.15 -26.05 25.43
C GLU B 93 -5.42 -25.59 26.70
N GLN B 94 -4.10 -25.74 26.71
CA GLN B 94 -3.26 -25.25 27.81
C GLN B 94 -3.36 -23.73 27.97
N VAL B 95 -3.38 -23.00 26.85
CA VAL B 95 -3.50 -21.53 26.88
C VAL B 95 -4.79 -21.15 27.62
N GLU B 96 -5.89 -21.78 27.24
CA GLU B 96 -7.19 -21.50 27.85
C GLU B 96 -7.25 -21.99 29.31
N ARG B 97 -6.67 -23.15 29.58
CA ARG B 97 -6.63 -23.69 30.94
C ARG B 97 -5.87 -22.76 31.90
N SER B 98 -4.79 -22.18 31.38
CA SER B 98 -4.01 -21.19 32.12
C SER B 98 -4.67 -19.82 32.22
N GLY B 99 -5.87 -19.70 31.63
CA GLY B 99 -6.69 -18.50 31.77
C GLY B 99 -6.49 -17.42 30.72
N PHE B 100 -5.70 -17.72 29.69
CA PHE B 100 -5.44 -16.76 28.61
C PHE B 100 -6.45 -16.95 27.48
N ILE B 101 -6.65 -15.89 26.71
CA ILE B 101 -7.36 -16.00 25.45
C ILE B 101 -6.41 -16.53 24.38
N PHE B 102 -6.80 -17.64 23.76
CA PHE B 102 -6.09 -18.15 22.60
C PHE B 102 -6.65 -17.48 21.37
N ILE B 103 -5.78 -16.78 20.63
CA ILE B 103 -6.20 -16.12 19.40
C ILE B 103 -6.23 -17.15 18.26
N GLY B 104 -7.36 -17.84 18.19
CA GLY B 104 -7.57 -18.94 17.26
C GLY B 104 -8.83 -19.69 17.64
N PRO B 105 -9.09 -20.84 17.00
CA PRO B 105 -10.31 -21.60 17.29
C PRO B 105 -10.21 -22.35 18.62
N LYS B 106 -11.32 -22.95 19.03
CA LYS B 106 -11.35 -23.85 20.18
C LYS B 106 -10.45 -25.05 19.91
N ALA B 107 -9.85 -25.60 20.96
CA ALA B 107 -9.01 -26.78 20.82
C ALA B 107 -9.72 -27.95 20.12
N GLU B 108 -11.00 -28.17 20.45
CA GLU B 108 -11.81 -29.25 19.85
C GLU B 108 -11.84 -29.11 18.33
N THR B 109 -12.00 -27.87 17.87
CA THR B 109 -12.10 -27.57 16.44
C THR B 109 -10.77 -27.83 15.74
N ILE B 110 -9.68 -27.39 16.38
CA ILE B 110 -8.33 -27.67 15.89
C ILE B 110 -8.13 -29.19 15.71
N ARG B 111 -8.62 -29.96 16.67
CA ARG B 111 -8.53 -31.43 16.61
C ARG B 111 -9.41 -32.02 15.51
N LEU B 112 -10.64 -31.54 15.40
CA LEU B 112 -11.56 -31.97 14.36
C LEU B 112 -10.98 -31.75 12.95
N MET B 113 -10.47 -30.55 12.71
CA MET B 113 -9.95 -30.19 11.39
C MET B 113 -8.50 -30.63 11.17
N GLY B 114 -7.82 -30.99 12.26
CA GLY B 114 -6.45 -31.50 12.20
C GLY B 114 -6.39 -32.97 11.83
N ASP B 115 -7.46 -33.70 12.15
CA ASP B 115 -7.63 -35.07 11.68
C ASP B 115 -8.29 -35.00 10.30
N LYS B 116 -7.55 -35.43 9.28
CA LYS B 116 -7.99 -35.30 7.89
C LYS B 116 -9.27 -36.07 7.57
N VAL B 117 -9.40 -37.26 8.16
CA VAL B 117 -10.61 -38.07 8.00
C VAL B 117 -11.85 -37.38 8.59
N SER B 118 -11.76 -37.00 9.86
CA SER B 118 -12.89 -36.34 10.54
C SER B 118 -13.18 -34.96 9.94
N ALA B 119 -12.13 -34.28 9.47
CA ALA B 119 -12.27 -32.98 8.80
C ALA B 119 -13.12 -33.11 7.54
N ILE B 120 -12.78 -34.08 6.70
CA ILE B 120 -13.52 -34.36 5.47
C ILE B 120 -14.96 -34.77 5.77
N ALA B 121 -15.13 -35.67 6.74
CA ALA B 121 -16.46 -36.09 7.20
C ALA B 121 -17.32 -34.89 7.60
N ALA B 122 -16.74 -33.97 8.38
CA ALA B 122 -17.44 -32.75 8.80
C ALA B 122 -17.83 -31.87 7.61
N MET B 123 -16.92 -31.72 6.66
CA MET B 123 -17.18 -30.89 5.49
C MET B 123 -18.25 -31.48 4.59
N LYS B 124 -18.15 -32.78 4.33
CA LYS B 124 -19.14 -33.49 3.52
C LYS B 124 -20.54 -33.32 4.12
N LYS B 125 -20.65 -33.51 5.43
CA LYS B 125 -21.92 -33.32 6.14
C LYS B 125 -22.43 -31.88 6.03
N ALA B 126 -21.51 -30.92 6.08
CA ALA B 126 -21.84 -29.50 6.00
C ALA B 126 -22.31 -29.05 4.61
N GLY B 127 -21.99 -29.83 3.58
CA GLY B 127 -22.36 -29.49 2.21
C GLY B 127 -21.19 -28.98 1.38
N VAL B 128 -19.99 -29.05 1.93
CA VAL B 128 -18.77 -28.68 1.22
C VAL B 128 -18.37 -29.83 0.29
N PRO B 129 -18.16 -29.54 -1.00
CA PRO B 129 -17.71 -30.58 -1.94
C PRO B 129 -16.32 -31.09 -1.60
N CYS B 130 -16.18 -32.41 -1.56
CA CYS B 130 -14.90 -33.05 -1.25
C CYS B 130 -14.43 -33.89 -2.42
N VAL B 131 -13.19 -34.38 -2.34
CA VAL B 131 -12.64 -35.25 -3.36
C VAL B 131 -13.40 -36.58 -3.28
N PRO B 132 -13.83 -37.12 -4.44
CA PRO B 132 -14.37 -38.48 -4.42
C PRO B 132 -13.35 -39.38 -3.73
N GLY B 133 -13.80 -40.13 -2.73
CA GLY B 133 -12.90 -40.93 -1.92
C GLY B 133 -13.57 -41.95 -1.02
N SER B 134 -12.76 -42.54 -0.13
CA SER B 134 -13.19 -43.65 0.73
C SER B 134 -14.21 -43.27 1.80
N ASP B 135 -14.20 -42.01 2.23
CA ASP B 135 -15.10 -41.51 3.28
C ASP B 135 -14.95 -42.28 4.60
N GLY B 136 -13.71 -42.43 5.04
CA GLY B 136 -13.37 -43.15 6.25
C GLY B 136 -11.99 -43.76 6.15
N PRO B 137 -11.49 -44.35 7.26
CA PRO B 137 -10.20 -45.03 7.24
C PRO B 137 -10.22 -46.33 6.42
N LEU B 138 -9.10 -46.63 5.77
CA LEU B 138 -8.95 -47.89 5.03
C LEU B 138 -8.54 -49.01 5.98
N GLY B 139 -9.16 -50.17 5.80
CA GLY B 139 -8.86 -51.35 6.61
C GLY B 139 -7.84 -52.27 5.96
N ASP B 140 -7.71 -53.48 6.48
CA ASP B 140 -6.76 -54.47 5.97
C ASP B 140 -7.39 -55.40 4.92
N ASP B 141 -8.71 -55.33 4.78
CA ASP B 141 -9.44 -56.10 3.77
C ASP B 141 -9.20 -55.48 2.39
N MET B 142 -8.28 -56.10 1.64
CA MET B 142 -7.87 -55.59 0.33
C MET B 142 -8.95 -55.70 -0.74
N ASP B 143 -9.95 -56.53 -0.51
CA ASP B 143 -11.10 -56.63 -1.41
C ASP B 143 -11.99 -55.40 -1.29
N LYS B 144 -12.06 -54.84 -0.08
CA LYS B 144 -12.77 -53.58 0.17
C LYS B 144 -11.97 -52.40 -0.39
N ASN B 145 -10.66 -52.41 -0.19
CA ASN B 145 -9.77 -51.38 -0.72
C ASN B 145 -9.73 -51.34 -2.25
N ARG B 146 -9.81 -52.51 -2.88
CA ARG B 146 -9.90 -52.61 -4.35
C ARG B 146 -11.26 -52.17 -4.85
N ALA B 147 -12.30 -52.41 -4.05
CA ALA B 147 -13.67 -51.99 -4.38
C ALA B 147 -13.81 -50.47 -4.31
N ILE B 148 -13.20 -49.87 -3.29
CA ILE B 148 -13.18 -48.41 -3.13
C ILE B 148 -12.45 -47.75 -4.30
N ALA B 149 -11.25 -48.25 -4.60
CA ALA B 149 -10.43 -47.73 -5.71
C ALA B 149 -11.14 -47.80 -7.07
N LYS B 150 -11.89 -48.88 -7.29
CA LYS B 150 -12.66 -49.07 -8.53
C LYS B 150 -13.86 -48.12 -8.60
N ARG B 151 -14.53 -47.94 -7.46
CA ARG B 151 -15.72 -47.08 -7.36
C ARG B 151 -15.40 -45.62 -7.65
N ILE B 152 -14.20 -45.19 -7.23
CA ILE B 152 -13.73 -43.83 -7.51
C ILE B 152 -13.09 -43.76 -8.90
N GLY B 153 -12.31 -44.79 -9.24
CA GLY B 153 -11.66 -44.88 -10.53
C GLY B 153 -10.25 -44.33 -10.51
N TYR B 154 -9.30 -45.17 -10.93
CA TYR B 154 -7.88 -44.81 -10.99
C TYR B 154 -7.62 -43.62 -11.91
N PRO B 155 -6.57 -42.82 -11.62
CA PRO B 155 -5.64 -42.98 -10.51
C PRO B 155 -6.22 -42.53 -9.16
N VAL B 156 -5.73 -43.13 -8.07
CA VAL B 156 -6.15 -42.76 -6.72
C VAL B 156 -4.92 -42.39 -5.88
N ILE B 157 -5.15 -41.68 -4.78
CA ILE B 157 -4.07 -41.30 -3.87
C ILE B 157 -4.35 -41.81 -2.44
N ILE B 158 -3.30 -42.30 -1.79
CA ILE B 158 -3.38 -42.75 -0.39
C ILE B 158 -2.79 -41.65 0.48
N LYS B 159 -3.55 -41.24 1.49
CA LYS B 159 -3.15 -40.13 2.36
C LYS B 159 -3.23 -40.51 3.83
N ALA B 160 -2.29 -39.97 4.62
CA ALA B 160 -2.30 -40.11 6.07
C ALA B 160 -3.30 -39.13 6.69
N SER B 161 -4.06 -39.61 7.67
CA SER B 161 -5.06 -38.80 8.35
C SER B 161 -4.44 -37.86 9.39
N GLY B 162 -3.42 -38.34 10.10
CA GLY B 162 -2.71 -37.55 11.10
C GLY B 162 -1.61 -36.69 10.52
N GLY B 163 -1.43 -36.77 9.21
CA GLY B 163 -0.43 -35.97 8.50
C GLY B 163 -0.96 -34.62 8.07
N GLY B 164 -0.42 -34.12 6.95
CA GLY B 164 -0.80 -32.81 6.43
C GLY B 164 0.32 -32.18 5.62
N GLY B 165 -0.05 -31.27 4.72
CA GLY B 165 0.91 -30.57 3.87
C GLY B 165 1.22 -31.27 2.56
N GLY B 166 1.38 -32.59 2.64
CA GLY B 166 1.73 -33.41 1.48
C GLY B 166 2.86 -34.39 1.74
N ARG B 167 3.33 -34.44 2.99
CA ARG B 167 4.34 -35.39 3.41
C ARG B 167 3.76 -36.80 3.53
N GLY B 168 4.48 -37.78 2.99
CA GLY B 168 4.09 -39.19 3.11
C GLY B 168 2.75 -39.53 2.49
N MET B 169 2.69 -39.44 1.17
CA MET B 169 1.52 -39.88 0.39
C MET B 169 1.94 -40.29 -1.02
N ARG B 170 1.36 -41.38 -1.51
CA ARG B 170 1.72 -41.90 -2.83
C ARG B 170 0.54 -42.16 -3.77
N VAL B 171 0.78 -41.94 -5.06
CA VAL B 171 -0.21 -42.14 -6.11
C VAL B 171 -0.28 -43.61 -6.50
N VAL B 172 -1.50 -44.13 -6.61
CA VAL B 172 -1.75 -45.51 -7.04
C VAL B 172 -2.44 -45.49 -8.40
N ARG B 173 -1.88 -46.26 -9.35
CA ARG B 173 -2.38 -46.28 -10.72
C ARG B 173 -3.05 -47.60 -11.12
N GLY B 174 -3.01 -48.58 -10.21
CA GLY B 174 -3.60 -49.90 -10.46
C GLY B 174 -3.50 -50.83 -9.27
N ASP B 175 -4.16 -51.99 -9.38
CA ASP B 175 -4.25 -52.97 -8.29
C ASP B 175 -2.90 -53.51 -7.81
N ALA B 176 -1.95 -53.64 -8.75
CA ALA B 176 -0.63 -54.18 -8.45
C ALA B 176 0.15 -53.35 -7.42
N GLU B 177 -0.11 -52.03 -7.41
CA GLU B 177 0.59 -51.11 -6.53
C GLU B 177 -0.24 -50.75 -5.29
N LEU B 178 -1.54 -51.04 -5.34
CA LEU B 178 -2.49 -50.64 -4.29
C LEU B 178 -2.19 -51.26 -2.92
N ALA B 179 -2.03 -52.58 -2.88
CA ALA B 179 -1.75 -53.31 -1.63
C ALA B 179 -0.42 -52.87 -1.00
N GLN B 180 0.56 -52.60 -1.86
CA GLN B 180 1.89 -52.18 -1.44
C GLN B 180 1.89 -50.74 -0.95
N SER B 181 1.18 -49.86 -1.66
CA SER B 181 1.16 -48.43 -1.38
C SER B 181 0.42 -48.07 -0.08
N ILE B 182 -0.65 -48.80 0.22
CA ILE B 182 -1.42 -48.59 1.45
C ILE B 182 -0.56 -48.95 2.67
N SER B 183 0.17 -50.06 2.56
CA SER B 183 1.06 -50.53 3.63
C SER B 183 2.27 -49.61 3.83
N MET B 184 2.77 -49.02 2.75
CA MET B 184 3.93 -48.12 2.79
C MET B 184 3.58 -46.75 3.36
N THR B 185 2.35 -46.29 3.10
CA THR B 185 1.86 -45.04 3.66
C THR B 185 1.47 -45.22 5.13
N ARG B 186 1.07 -46.44 5.48
CA ARG B 186 0.69 -46.79 6.86
C ARG B 186 1.92 -46.85 7.77
N ALA B 187 3.05 -47.28 7.23
CA ALA B 187 4.31 -47.36 7.98
C ALA B 187 4.98 -45.99 8.13
N GLU B 188 4.80 -45.12 7.14
CA GLU B 188 5.34 -43.76 7.17
C GLU B 188 4.61 -42.87 8.18
N ALA B 189 3.28 -43.02 8.25
CA ALA B 189 2.44 -42.22 9.13
C ALA B 189 2.56 -42.63 10.59
N LYS B 190 2.88 -43.91 10.82
CA LYS B 190 3.08 -44.45 12.16
C LYS B 190 4.42 -43.98 12.74
N ALA B 191 5.38 -43.70 11.87
CA ALA B 191 6.74 -43.33 12.27
C ALA B 191 6.86 -41.89 12.79
N ALA B 192 6.10 -40.97 12.19
CA ALA B 192 6.19 -39.55 12.53
C ALA B 192 5.05 -39.05 13.42
N PHE B 193 3.81 -39.36 13.02
CA PHE B 193 2.62 -38.81 13.70
C PHE B 193 2.00 -39.77 14.73
N SER B 194 2.55 -40.98 14.82
CA SER B 194 2.07 -42.03 15.73
C SER B 194 0.63 -42.50 15.47
N ASN B 195 0.17 -42.26 14.23
CA ASN B 195 -1.16 -42.66 13.80
C ASN B 195 -1.08 -43.37 12.45
N ASP B 196 -1.52 -44.62 12.40
CA ASP B 196 -1.42 -45.44 11.19
C ASP B 196 -2.60 -45.26 10.23
N MET B 197 -3.60 -44.49 10.65
CA MET B 197 -4.81 -44.27 9.85
C MET B 197 -4.50 -43.64 8.49
N VAL B 198 -4.99 -44.27 7.43
CA VAL B 198 -4.87 -43.74 6.07
C VAL B 198 -6.24 -43.73 5.39
N TYR B 199 -6.37 -42.90 4.35
CA TYR B 199 -7.59 -42.82 3.57
C TYR B 199 -7.30 -42.70 2.08
N MET B 200 -8.35 -42.78 1.26
CA MET B 200 -8.20 -42.78 -0.19
C MET B 200 -8.98 -41.64 -0.84
N GLU B 201 -8.36 -41.01 -1.82
CA GLU B 201 -9.01 -40.01 -2.67
C GLU B 201 -8.68 -40.28 -4.13
N LYS B 202 -9.58 -39.85 -5.02
CA LYS B 202 -9.27 -39.79 -6.45
C LYS B 202 -8.10 -38.84 -6.66
N TYR B 203 -7.07 -39.30 -7.37
CA TYR B 203 -5.94 -38.45 -7.69
C TYR B 203 -6.27 -37.55 -8.88
N LEU B 204 -6.25 -36.24 -8.65
CA LEU B 204 -6.49 -35.27 -9.70
C LEU B 204 -5.15 -34.91 -10.35
N GLU B 205 -5.06 -35.14 -11.66
CA GLU B 205 -3.79 -35.06 -12.38
C GLU B 205 -3.21 -33.64 -12.50
N ASN B 206 -4.07 -32.67 -12.80
CA ASN B 206 -3.62 -31.29 -13.04
C ASN B 206 -4.49 -30.20 -12.39
N PRO B 207 -4.64 -30.24 -11.04
CA PRO B 207 -5.54 -29.28 -10.40
C PRO B 207 -4.84 -27.96 -10.08
N ARG B 208 -5.62 -26.92 -9.81
CA ARG B 208 -5.10 -25.69 -9.23
C ARG B 208 -5.35 -25.72 -7.72
N HIS B 209 -4.50 -25.03 -6.97
CA HIS B 209 -4.64 -24.91 -5.52
C HIS B 209 -5.37 -23.60 -5.24
N VAL B 210 -6.65 -23.71 -4.88
CA VAL B 210 -7.48 -22.54 -4.64
C VAL B 210 -8.06 -22.63 -3.23
N GLU B 211 -7.84 -21.58 -2.45
CA GLU B 211 -8.29 -21.61 -1.06
C GLU B 211 -9.21 -20.44 -0.71
N ILE B 212 -10.13 -20.70 0.20
CA ILE B 212 -11.15 -19.74 0.63
C ILE B 212 -10.80 -19.20 2.01
N GLN B 213 -10.67 -17.89 2.11
CA GLN B 213 -10.48 -17.23 3.40
C GLN B 213 -11.82 -17.06 4.12
N VAL B 214 -11.86 -17.42 5.39
CA VAL B 214 -13.02 -17.13 6.24
C VAL B 214 -12.64 -16.36 7.51
N LEU B 215 -13.63 -15.66 8.06
CA LEU B 215 -13.61 -15.14 9.42
C LEU B 215 -14.93 -15.53 10.06
N ALA B 216 -14.86 -16.07 11.28
CA ALA B 216 -16.05 -16.41 12.06
C ALA B 216 -15.84 -15.94 13.50
N ASP B 217 -16.88 -15.39 14.12
CA ASP B 217 -16.70 -14.85 15.47
C ASP B 217 -16.88 -15.88 16.59
N GLY B 218 -17.30 -17.08 16.22
CA GLY B 218 -17.65 -18.13 17.18
C GLY B 218 -18.98 -17.86 17.87
N GLN B 219 -19.76 -16.95 17.31
CA GLN B 219 -21.04 -16.52 17.88
C GLN B 219 -22.17 -16.71 16.88
N GLY B 220 -21.91 -17.50 15.84
CA GLY B 220 -22.92 -17.80 14.81
C GLY B 220 -22.75 -17.03 13.53
N ASN B 221 -21.82 -16.06 13.53
CA ASN B 221 -21.56 -15.26 12.34
C ASN B 221 -20.30 -15.74 11.63
N ALA B 222 -20.37 -15.83 10.30
CA ALA B 222 -19.25 -16.31 9.50
C ALA B 222 -19.31 -15.69 8.11
N ILE B 223 -18.20 -15.13 7.67
CA ILE B 223 -18.09 -14.56 6.33
C ILE B 223 -16.92 -15.19 5.57
N TYR B 224 -17.05 -15.22 4.24
CA TYR B 224 -15.95 -15.59 3.37
C TYR B 224 -15.38 -14.33 2.70
N LEU B 225 -14.07 -14.34 2.47
CA LEU B 225 -13.35 -13.19 1.93
C LEU B 225 -12.64 -13.63 0.65
N ALA B 226 -13.44 -14.11 -0.29
CA ALA B 226 -12.98 -14.60 -1.59
C ALA B 226 -11.91 -15.69 -1.49
N GLU B 227 -11.15 -15.84 -2.57
CA GLU B 227 -10.25 -16.95 -2.72
C GLU B 227 -8.83 -16.48 -3.03
N ARG B 228 -7.90 -17.42 -2.95
CA ARG B 228 -6.52 -17.22 -3.36
C ARG B 228 -6.06 -18.38 -4.20
N ASP B 229 -5.29 -18.10 -5.24
CA ASP B 229 -4.64 -19.15 -6.00
C ASP B 229 -3.20 -19.31 -5.54
N CYS B 230 -2.88 -20.51 -5.07
CA CYS B 230 -1.54 -20.80 -4.53
C CYS B 230 -0.82 -21.90 -5.32
N SER B 231 -1.19 -22.06 -6.59
CA SER B 231 -0.70 -23.18 -7.41
C SER B 231 0.78 -23.09 -7.75
N MET B 232 1.31 -21.86 -7.81
CA MET B 232 2.71 -21.63 -8.14
C MET B 232 3.56 -22.03 -6.94
N GLN B 233 4.10 -23.25 -7.00
CA GLN B 233 4.77 -23.86 -5.87
C GLN B 233 5.85 -24.84 -6.33
N ARG B 234 6.80 -25.14 -5.44
CA ARG B 234 7.83 -26.11 -5.73
C ARG B 234 8.01 -27.07 -4.55
N ARG B 235 7.88 -28.37 -4.85
CA ARG B 235 8.05 -29.42 -3.85
C ARG B 235 7.39 -29.09 -2.51
N HIS B 236 6.07 -28.88 -2.57
CA HIS B 236 5.24 -28.59 -1.39
C HIS B 236 5.44 -27.18 -0.79
N GLN B 237 6.25 -26.34 -1.44
CA GLN B 237 6.57 -25.00 -0.94
C GLN B 237 5.99 -23.94 -1.88
N LYS B 238 4.99 -23.20 -1.39
CA LYS B 238 4.40 -22.10 -2.17
C LYS B 238 5.45 -21.04 -2.49
N VAL B 239 5.33 -20.45 -3.68
CA VAL B 239 6.31 -19.47 -4.16
C VAL B 239 5.62 -18.14 -4.48
N VAL B 240 4.53 -18.21 -5.26
CA VAL B 240 3.70 -17.06 -5.60
C VAL B 240 2.25 -17.36 -5.23
N GLU B 241 1.57 -16.38 -4.64
CA GLU B 241 0.14 -16.50 -4.39
C GLU B 241 -0.58 -15.26 -4.92
N GLU B 242 -1.85 -15.41 -5.27
CA GLU B 242 -2.61 -14.27 -5.77
C GLU B 242 -4.09 -14.35 -5.42
N ALA B 243 -4.73 -13.18 -5.42
CA ALA B 243 -6.17 -13.05 -5.15
C ALA B 243 -6.72 -11.92 -6.03
N PRO B 244 -7.91 -12.12 -6.65
CA PRO B 244 -8.67 -13.38 -6.71
C PRO B 244 -7.97 -14.41 -7.59
N ALA B 245 -8.54 -15.61 -7.68
CA ALA B 245 -8.00 -16.61 -8.61
C ALA B 245 -8.50 -16.32 -10.03
N PRO B 246 -7.56 -16.25 -11.00
CA PRO B 246 -7.92 -16.07 -12.40
C PRO B 246 -8.93 -17.13 -12.87
N GLY B 247 -9.97 -16.68 -13.57
CA GLY B 247 -10.96 -17.58 -14.13
C GLY B 247 -12.14 -17.89 -13.22
N ILE B 248 -11.99 -17.62 -11.92
CA ILE B 248 -13.10 -17.78 -10.98
C ILE B 248 -14.09 -16.62 -11.16
N THR B 249 -15.33 -16.97 -11.48
CA THR B 249 -16.41 -16.01 -11.68
C THR B 249 -17.00 -15.60 -10.34
N PRO B 250 -17.72 -14.45 -10.30
CA PRO B 250 -18.46 -14.08 -9.09
C PRO B 250 -19.44 -15.17 -8.62
N GLU B 251 -20.04 -15.89 -9.57
CA GLU B 251 -21.01 -16.95 -9.27
C GLU B 251 -20.35 -18.15 -8.60
N LEU B 252 -19.24 -18.62 -9.16
CA LEU B 252 -18.45 -19.69 -8.52
C LEU B 252 -17.93 -19.28 -7.14
N ARG B 253 -17.45 -18.04 -7.02
CA ARG B 253 -16.98 -17.49 -5.76
C ARG B 253 -18.07 -17.55 -4.70
N ARG B 254 -19.27 -17.09 -5.06
CA ARG B 254 -20.42 -17.09 -4.16
C ARG B 254 -20.83 -18.51 -3.77
N TYR B 255 -20.80 -19.43 -4.73
CA TYR B 255 -21.18 -20.82 -4.50
C TYR B 255 -20.30 -21.48 -3.43
N ILE B 256 -18.99 -21.37 -3.63
CA ILE B 256 -18.04 -22.04 -2.75
C ILE B 256 -17.86 -21.25 -1.44
N GLY B 257 -17.91 -19.92 -1.53
CA GLY B 257 -17.85 -19.08 -0.34
C GLY B 257 -18.96 -19.35 0.66
N GLU B 258 -20.20 -19.44 0.16
CA GLU B 258 -21.35 -19.68 1.02
C GLU B 258 -21.27 -21.05 1.72
N ARG B 259 -20.83 -22.07 0.99
CA ARG B 259 -20.66 -23.39 1.59
C ARG B 259 -19.58 -23.43 2.68
N CYS B 260 -18.50 -22.68 2.48
CA CYS B 260 -17.46 -22.52 3.51
C CYS B 260 -17.95 -21.77 4.74
N ALA B 261 -18.70 -20.68 4.54
CA ALA B 261 -19.29 -19.91 5.63
C ALA B 261 -20.29 -20.74 6.46
N LYS B 262 -21.11 -21.52 5.75
CA LYS B 262 -22.07 -22.43 6.38
C LYS B 262 -21.34 -23.51 7.17
N ALA B 263 -20.29 -24.09 6.57
CA ALA B 263 -19.43 -25.05 7.28
C ALA B 263 -18.85 -24.49 8.58
N CYS B 264 -18.53 -23.19 8.59
CA CYS B 264 -18.00 -22.52 9.77
C CYS B 264 -19.02 -22.51 10.92
N VAL B 265 -20.28 -22.24 10.60
CA VAL B 265 -21.35 -22.22 11.60
C VAL B 265 -21.55 -23.63 12.15
N ASP B 266 -21.54 -24.60 11.23
CA ASP B 266 -21.78 -26.01 11.57
C ASP B 266 -20.75 -26.59 12.53
N ILE B 267 -19.50 -26.17 12.39
CA ILE B 267 -18.42 -26.68 13.26
C ILE B 267 -18.10 -25.74 14.43
N GLY B 268 -18.83 -24.64 14.50
CA GLY B 268 -18.63 -23.63 15.54
C GLY B 268 -17.26 -22.99 15.45
N TYR B 269 -16.81 -22.73 14.22
CA TYR B 269 -15.49 -22.17 13.99
C TYR B 269 -15.35 -20.77 14.59
N ARG B 270 -14.17 -20.48 15.12
CA ARG B 270 -13.90 -19.18 15.74
C ARG B 270 -12.56 -18.63 15.25
N GLY B 271 -12.59 -17.43 14.67
CA GLY B 271 -11.39 -16.74 14.20
C GLY B 271 -11.17 -16.81 12.71
N ALA B 272 -9.93 -16.56 12.28
CA ALA B 272 -9.57 -16.69 10.87
C ALA B 272 -9.31 -18.16 10.55
N GLY B 273 -9.67 -18.56 9.33
CA GLY B 273 -9.42 -19.92 8.86
C GLY B 273 -9.36 -19.95 7.34
N THR B 274 -8.81 -21.02 6.79
CA THR B 274 -8.69 -21.18 5.35
C THR B 274 -9.13 -22.57 4.92
N PHE B 275 -10.09 -22.62 4.00
CA PHE B 275 -10.50 -23.86 3.38
C PHE B 275 -9.69 -24.08 2.10
N GLU B 276 -8.86 -25.12 2.10
CA GLU B 276 -8.05 -25.47 0.92
C GLU B 276 -8.81 -26.41 -0.02
N PHE B 277 -8.85 -26.04 -1.30
CA PHE B 277 -9.48 -26.82 -2.35
C PHE B 277 -8.51 -27.15 -3.47
N LEU B 278 -8.76 -28.27 -4.13
CA LEU B 278 -8.22 -28.49 -5.47
C LEU B 278 -9.31 -28.08 -6.45
N PHE B 279 -8.91 -27.35 -7.48
CA PHE B 279 -9.83 -26.83 -8.48
C PHE B 279 -9.41 -27.38 -9.83
N GLU B 280 -10.32 -28.10 -10.47
CA GLU B 280 -10.05 -28.72 -11.77
C GLU B 280 -11.36 -28.89 -12.51
N ASN B 281 -11.36 -28.48 -13.79
CA ASN B 281 -12.53 -28.61 -14.65
C ASN B 281 -13.76 -27.85 -14.13
N GLY B 282 -13.52 -26.67 -13.57
CA GLY B 282 -14.59 -25.83 -13.02
C GLY B 282 -15.18 -26.31 -11.70
N GLU B 283 -14.56 -27.33 -11.10
CA GLU B 283 -15.07 -27.95 -9.88
C GLU B 283 -14.12 -27.79 -8.70
N PHE B 284 -14.68 -27.51 -7.52
CA PHE B 284 -13.93 -27.44 -6.26
C PHE B 284 -13.98 -28.76 -5.50
N TYR B 285 -12.84 -29.17 -4.93
CA TYR B 285 -12.77 -30.35 -4.07
C TYR B 285 -11.94 -30.04 -2.82
N PHE B 286 -12.60 -30.03 -1.66
CA PHE B 286 -11.94 -29.78 -0.37
C PHE B 286 -10.91 -30.85 -0.04
N ILE B 287 -9.74 -30.44 0.42
CA ILE B 287 -8.72 -31.38 0.87
C ILE B 287 -8.37 -31.21 2.35
N GLU B 288 -8.27 -29.96 2.81
CA GLU B 288 -7.98 -29.68 4.22
C GLU B 288 -8.26 -28.24 4.63
N MET B 289 -8.42 -28.04 5.94
CA MET B 289 -8.62 -26.71 6.50
C MET B 289 -7.43 -26.30 7.36
N ASN B 290 -6.95 -25.08 7.15
CA ASN B 290 -5.94 -24.48 8.02
C ASN B 290 -6.64 -23.62 9.05
N THR B 291 -6.48 -23.99 10.32
CA THR B 291 -7.23 -23.36 11.41
C THR B 291 -6.41 -22.25 12.09
N ARG B 292 -5.96 -21.31 11.28
CA ARG B 292 -4.97 -20.31 11.67
C ARG B 292 -4.92 -19.26 10.58
N ILE B 293 -4.26 -18.14 10.86
CA ILE B 293 -3.90 -17.19 9.82
C ILE B 293 -2.86 -17.85 8.92
N GLN B 294 -2.80 -17.42 7.66
CA GLN B 294 -1.84 -18.02 6.75
C GLN B 294 -0.80 -17.02 6.27
N VAL B 295 0.34 -17.54 5.80
CA VAL B 295 1.40 -16.74 5.21
C VAL B 295 0.84 -15.71 4.24
N GLU B 296 0.06 -16.19 3.28
CA GLU B 296 -0.41 -15.40 2.14
C GLU B 296 -1.65 -14.54 2.41
N HIS B 297 -2.03 -14.38 3.67
CA HIS B 297 -3.17 -13.53 4.02
C HIS B 297 -3.18 -12.11 3.40
N PRO B 298 -2.00 -11.45 3.26
CA PRO B 298 -2.00 -10.10 2.69
C PRO B 298 -2.68 -9.89 1.32
N VAL B 299 -2.63 -10.88 0.41
CA VAL B 299 -3.27 -10.69 -0.91
C VAL B 299 -4.80 -10.54 -0.77
N THR B 300 -5.37 -11.25 0.21
CA THR B 300 -6.80 -11.16 0.53
C THR B 300 -7.13 -9.80 1.15
N GLU B 301 -6.25 -9.33 2.03
CA GLU B 301 -6.42 -8.01 2.64
C GLU B 301 -6.46 -6.90 1.59
N MET B 302 -5.56 -6.96 0.61
CA MET B 302 -5.47 -5.96 -0.46
C MET B 302 -6.75 -5.88 -1.31
N ILE B 303 -7.33 -7.03 -1.62
CA ILE B 303 -8.50 -7.05 -2.51
C ILE B 303 -9.87 -6.85 -1.82
N THR B 304 -9.88 -6.97 -0.49
CA THR B 304 -11.12 -6.78 0.28
C THR B 304 -11.09 -5.54 1.19
N GLY B 305 -9.89 -5.06 1.52
CA GLY B 305 -9.73 -3.97 2.50
C GLY B 305 -9.78 -4.43 3.97
N VAL B 306 -9.97 -5.72 4.19
CA VAL B 306 -10.13 -6.23 5.55
C VAL B 306 -8.77 -6.53 6.19
N ASP B 307 -8.54 -6.00 7.39
CA ASP B 307 -7.32 -6.27 8.15
C ASP B 307 -7.54 -7.55 8.95
N LEU B 308 -7.03 -8.67 8.43
CA LEU B 308 -7.34 -9.99 8.98
C LEU B 308 -6.78 -10.22 10.38
N ILE B 309 -5.60 -9.66 10.67
CA ILE B 309 -5.02 -9.78 12.00
C ILE B 309 -5.84 -9.01 13.04
N LYS B 310 -6.19 -7.76 12.71
CA LYS B 310 -7.04 -6.96 13.60
C LYS B 310 -8.40 -7.61 13.86
N GLU B 311 -8.97 -8.24 12.84
CA GLU B 311 -10.21 -9.00 13.01
C GLU B 311 -9.99 -10.21 13.93
N GLN B 312 -8.87 -10.90 13.79
CA GLN B 312 -8.53 -11.99 14.73
C GLN B 312 -8.51 -11.48 16.16
N LEU B 313 -7.93 -10.30 16.36
CA LEU B 313 -7.81 -9.72 17.69
C LEU B 313 -9.17 -9.30 18.26
N ARG B 314 -10.00 -8.70 17.40
CA ARG B 314 -11.37 -8.31 17.76
C ARG B 314 -12.25 -9.51 18.12
N ILE B 315 -12.16 -10.59 17.34
CA ILE B 315 -12.89 -11.83 17.62
C ILE B 315 -12.47 -12.42 18.97
N ALA B 316 -11.16 -12.43 19.21
CA ALA B 316 -10.58 -12.96 20.45
C ALA B 316 -11.02 -12.16 21.68
N ALA B 317 -11.21 -10.85 21.49
CA ALA B 317 -11.68 -9.97 22.55
C ALA B 317 -13.19 -10.14 22.81
N GLY B 318 -13.83 -11.05 22.08
CA GLY B 318 -15.25 -11.36 22.27
C GLY B 318 -16.20 -10.53 21.43
N GLN B 319 -15.65 -9.77 20.48
CA GLN B 319 -16.49 -8.94 19.61
C GLN B 319 -17.05 -9.76 18.46
N PRO B 320 -18.37 -9.62 18.20
CA PRO B 320 -18.96 -10.22 17.01
C PRO B 320 -18.43 -9.55 15.75
N LEU B 321 -18.54 -10.25 14.61
CA LEU B 321 -18.08 -9.74 13.32
C LEU B 321 -18.65 -8.34 13.02
N SER B 322 -17.74 -7.41 12.71
CA SER B 322 -18.11 -6.04 12.33
C SER B 322 -18.62 -5.98 10.88
N ILE B 323 -18.15 -6.90 10.05
CA ILE B 323 -18.50 -6.94 8.63
C ILE B 323 -19.57 -7.97 8.30
N LYS B 324 -20.58 -7.52 7.56
CA LYS B 324 -21.59 -8.40 6.99
C LYS B 324 -21.13 -8.86 5.61
N GLN B 325 -21.59 -10.03 5.19
CA GLN B 325 -21.20 -10.61 3.90
C GLN B 325 -21.43 -9.66 2.72
N GLU B 326 -22.58 -8.96 2.73
CA GLU B 326 -22.96 -8.03 1.66
C GLU B 326 -22.00 -6.83 1.56
N GLU B 327 -21.17 -6.65 2.56
CA GLU B 327 -20.23 -5.53 2.62
C GLU B 327 -18.83 -5.96 2.18
N VAL B 328 -18.66 -7.24 1.88
CA VAL B 328 -17.38 -7.75 1.41
C VAL B 328 -17.37 -7.73 -0.11
N HIS B 329 -16.43 -6.99 -0.69
CA HIS B 329 -16.30 -6.87 -2.15
C HIS B 329 -14.88 -7.10 -2.63
N VAL B 330 -14.73 -7.96 -3.64
CA VAL B 330 -13.46 -8.11 -4.33
C VAL B 330 -13.25 -6.89 -5.23
N ARG B 331 -12.15 -6.19 -5.00
CA ARG B 331 -11.77 -5.10 -5.88
C ARG B 331 -10.30 -5.21 -6.24
N GLY B 332 -10.01 -5.13 -7.53
CA GLY B 332 -8.64 -5.19 -8.03
C GLY B 332 -8.04 -6.57 -7.89
N HIS B 333 -6.71 -6.62 -7.84
CA HIS B 333 -5.98 -7.87 -7.87
C HIS B 333 -4.65 -7.71 -7.15
N ALA B 334 -4.22 -8.75 -6.46
CA ALA B 334 -2.93 -8.69 -5.75
C ALA B 334 -2.14 -9.97 -5.92
N VAL B 335 -0.82 -9.81 -5.96
CA VAL B 335 0.11 -10.91 -6.11
C VAL B 335 1.13 -10.83 -4.97
N GLU B 336 1.45 -11.98 -4.38
CA GLU B 336 2.51 -12.07 -3.38
C GLU B 336 3.66 -12.94 -3.85
N CYS B 337 4.88 -12.41 -3.70
CA CYS B 337 6.09 -13.18 -3.92
C CYS B 337 6.81 -13.40 -2.61
N ARG B 338 7.00 -14.67 -2.24
CA ARG B 338 7.79 -15.03 -1.07
C ARG B 338 9.27 -14.81 -1.36
N ILE B 339 9.96 -14.17 -0.42
CA ILE B 339 11.38 -13.92 -0.56
C ILE B 339 12.09 -14.84 0.42
N ASN B 340 12.94 -15.72 -0.10
CA ASN B 340 13.64 -16.71 0.70
C ASN B 340 15.15 -16.49 0.69
N ALA B 341 15.77 -16.70 1.84
CA ALA B 341 17.22 -16.76 1.94
C ALA B 341 17.66 -18.15 1.48
N GLU B 342 17.88 -18.27 0.17
CA GLU B 342 18.22 -19.55 -0.45
C GLU B 342 19.08 -19.37 -1.69
N ASP B 343 19.91 -20.38 -1.96
CA ASP B 343 20.76 -20.43 -3.16
C ASP B 343 19.87 -20.70 -4.36
N PRO B 344 19.82 -19.77 -5.33
CA PRO B 344 18.99 -20.01 -6.53
C PRO B 344 19.44 -21.20 -7.39
N ASN B 345 20.71 -21.62 -7.25
CA ASN B 345 21.22 -22.75 -8.03
C ASN B 345 20.75 -24.11 -7.50
N THR B 346 20.46 -24.18 -6.19
CA THR B 346 20.19 -25.45 -5.54
C THR B 346 18.88 -25.47 -4.75
N PHE B 347 18.30 -24.29 -4.53
CA PHE B 347 17.14 -24.09 -3.63
C PHE B 347 17.43 -24.52 -2.18
N LEU B 348 18.70 -24.49 -1.80
CA LEU B 348 19.07 -24.81 -0.42
C LEU B 348 19.19 -23.54 0.40
N PRO B 349 18.86 -23.60 1.70
CA PRO B 349 18.94 -22.41 2.56
C PRO B 349 20.28 -21.67 2.47
N SER B 350 20.22 -20.36 2.53
CA SER B 350 21.43 -19.54 2.53
C SER B 350 21.34 -18.48 3.62
N PRO B 351 21.55 -18.89 4.88
CA PRO B 351 21.51 -17.94 5.99
C PRO B 351 22.74 -17.02 5.95
N GLY B 352 22.76 -16.01 6.81
CA GLY B 352 23.91 -15.12 6.93
C GLY B 352 23.52 -13.66 7.10
N LYS B 353 24.52 -12.79 7.09
CA LYS B 353 24.31 -11.39 7.40
C LYS B 353 23.92 -10.58 6.17
N ILE B 354 22.81 -9.86 6.27
CA ILE B 354 22.43 -8.90 5.24
C ILE B 354 23.26 -7.63 5.41
N THR B 355 24.06 -7.33 4.40
CA THR B 355 25.02 -6.22 4.46
C THR B 355 24.44 -4.93 3.88
N ARG B 356 23.62 -5.05 2.85
CA ARG B 356 22.92 -3.91 2.28
C ARG B 356 21.48 -4.28 2.05
N PHE B 357 20.58 -3.39 2.47
CA PHE B 357 19.14 -3.62 2.29
C PHE B 357 18.40 -2.37 1.83
N HIS B 358 17.51 -2.55 0.85
CA HIS B 358 16.58 -1.52 0.44
C HIS B 358 15.25 -2.09 0.02
N ALA B 359 14.19 -1.62 0.67
CA ALA B 359 12.84 -2.06 0.40
C ALA B 359 12.24 -1.28 -0.77
N PRO B 360 11.46 -1.96 -1.62
CA PRO B 360 10.76 -1.23 -2.68
C PRO B 360 9.64 -0.36 -2.09
N GLY B 361 9.22 0.65 -2.86
CA GLY B 361 8.09 1.49 -2.46
C GLY B 361 7.17 1.74 -3.63
N GLY B 362 6.27 2.70 -3.48
CA GLY B 362 5.39 3.11 -4.58
C GLY B 362 3.95 2.72 -4.34
N PHE B 363 3.07 3.23 -5.21
CA PHE B 363 1.63 2.94 -5.19
C PHE B 363 1.36 1.45 -5.35
N GLY B 364 0.60 0.88 -4.42
CA GLY B 364 0.20 -0.53 -4.47
C GLY B 364 1.28 -1.52 -4.05
N VAL B 365 2.38 -1.01 -3.51
CA VAL B 365 3.50 -1.86 -3.11
C VAL B 365 3.50 -2.09 -1.58
N ARG B 366 3.43 -3.35 -1.18
CA ARG B 366 3.42 -3.70 0.24
C ARG B 366 4.55 -4.68 0.60
N TRP B 367 5.41 -4.25 1.51
CA TRP B 367 6.58 -5.04 1.89
C TRP B 367 6.41 -5.52 3.32
N GLU B 368 6.40 -6.84 3.48
CA GLU B 368 6.17 -7.49 4.77
C GLU B 368 7.41 -8.27 5.13
N SER B 369 8.25 -7.68 5.98
CA SER B 369 9.51 -8.31 6.37
C SER B 369 10.13 -7.64 7.58
N HIS B 370 10.75 -8.46 8.41
CA HIS B 370 11.54 -8.03 9.56
C HIS B 370 12.99 -7.68 9.23
N ILE B 371 13.42 -7.94 7.98
CA ILE B 371 14.84 -7.78 7.65
C ILE B 371 15.27 -6.31 7.57
N TYR B 372 16.54 -6.07 7.88
CA TYR B 372 17.12 -4.74 7.80
C TYR B 372 18.62 -4.87 7.54
N ALA B 373 19.27 -3.75 7.18
CA ALA B 373 20.71 -3.76 6.94
C ALA B 373 21.46 -4.08 8.22
N GLY B 374 22.34 -5.07 8.15
CA GLY B 374 23.11 -5.54 9.31
C GLY B 374 22.48 -6.74 10.01
N TYR B 375 21.26 -7.10 9.63
CA TYR B 375 20.54 -8.23 10.27
C TYR B 375 21.05 -9.57 9.76
N THR B 376 21.28 -10.49 10.70
CA THR B 376 21.71 -11.84 10.35
C THR B 376 20.51 -12.79 10.34
N VAL B 377 20.30 -13.41 9.18
CA VAL B 377 19.34 -14.51 9.05
C VAL B 377 19.99 -15.73 9.71
N PRO B 378 19.40 -16.23 10.82
CA PRO B 378 19.97 -17.39 11.50
C PRO B 378 19.72 -18.68 10.71
N PRO B 379 20.50 -19.73 10.98
CA PRO B 379 20.34 -21.01 10.28
C PRO B 379 19.23 -21.93 10.82
N TYR B 380 18.58 -21.55 11.91
CA TYR B 380 17.72 -22.48 12.67
C TYR B 380 16.28 -22.61 12.19
N TYR B 381 15.82 -21.63 11.42
CA TYR B 381 14.38 -21.47 11.15
C TYR B 381 14.06 -21.61 9.65
N ASP B 382 12.83 -21.29 9.26
CA ASP B 382 12.41 -21.38 7.86
C ASP B 382 13.14 -20.35 7.01
N SER B 383 13.30 -20.65 5.72
CA SER B 383 14.09 -19.78 4.84
C SER B 383 13.38 -18.49 4.41
N MET B 384 12.07 -18.41 4.62
CA MET B 384 11.32 -17.23 4.18
C MET B 384 11.64 -16.01 5.06
N ILE B 385 12.20 -14.97 4.45
CA ILE B 385 12.62 -13.78 5.18
C ILE B 385 11.71 -12.57 4.93
N GLY B 386 10.91 -12.63 3.87
CA GLY B 386 9.96 -11.56 3.61
C GLY B 386 8.92 -11.91 2.57
N LYS B 387 7.95 -11.01 2.39
CA LYS B 387 6.89 -11.17 1.41
C LYS B 387 6.68 -9.84 0.73
N LEU B 388 6.72 -9.85 -0.60
CA LEU B 388 6.44 -8.66 -1.38
C LEU B 388 5.05 -8.79 -1.99
N ILE B 389 4.20 -7.81 -1.71
CA ILE B 389 2.81 -7.88 -2.17
C ILE B 389 2.50 -6.64 -2.99
N CYS B 390 2.07 -6.85 -4.23
CA CYS B 390 1.66 -5.75 -5.09
C CYS B 390 0.20 -5.84 -5.50
N TYR B 391 -0.49 -4.70 -5.43
CA TYR B 391 -1.91 -4.60 -5.76
C TYR B 391 -2.07 -3.66 -6.95
N GLY B 392 -3.06 -3.94 -7.80
CA GLY B 392 -3.47 -3.02 -8.86
C GLY B 392 -4.94 -3.21 -9.17
N GLU B 393 -5.50 -2.30 -9.96
CA GLU B 393 -6.92 -2.35 -10.35
C GLU B 393 -7.28 -3.58 -11.18
N ASN B 394 -6.26 -4.22 -11.75
CA ASN B 394 -6.41 -5.49 -12.46
C ASN B 394 -5.12 -6.30 -12.34
N ARG B 395 -5.16 -7.56 -12.77
CA ARG B 395 -4.05 -8.49 -12.62
C ARG B 395 -2.76 -8.01 -13.31
N ASP B 396 -2.91 -7.46 -14.51
CA ASP B 396 -1.75 -6.97 -15.27
C ASP B 396 -0.98 -5.87 -14.52
N VAL B 397 -1.73 -4.95 -13.88
CA VAL B 397 -1.13 -3.86 -13.11
C VAL B 397 -0.37 -4.41 -11.88
N ALA B 398 -1.01 -5.35 -11.17
CA ALA B 398 -0.38 -6.03 -10.04
C ALA B 398 0.95 -6.67 -10.44
N ILE B 399 0.96 -7.36 -11.58
CA ILE B 399 2.15 -8.02 -12.09
C ILE B 399 3.23 -7.03 -12.51
N ALA B 400 2.82 -5.97 -13.20
CA ALA B 400 3.72 -4.87 -13.61
C ALA B 400 4.43 -4.22 -12.42
N ARG B 401 3.66 -3.89 -11.37
CA ARG B 401 4.20 -3.32 -10.14
C ARG B 401 5.14 -4.30 -9.42
N MET B 402 4.82 -5.59 -9.46
CA MET B 402 5.68 -6.61 -8.84
C MET B 402 7.03 -6.69 -9.52
N LYS B 403 7.04 -6.71 -10.86
CA LYS B 403 8.28 -6.66 -11.65
C LYS B 403 9.16 -5.49 -11.20
N ASN B 404 8.58 -4.29 -11.13
CA ASN B 404 9.30 -3.09 -10.73
C ASN B 404 9.80 -3.16 -9.29
N ALA B 405 8.93 -3.66 -8.40
CA ALA B 405 9.26 -3.75 -6.98
C ALA B 405 10.40 -4.75 -6.72
N LEU B 406 10.34 -5.90 -7.38
CA LEU B 406 11.40 -6.91 -7.29
C LEU B 406 12.76 -6.39 -7.75
N GLN B 407 12.76 -5.48 -8.74
CA GLN B 407 14.01 -4.89 -9.25
C GLN B 407 14.55 -3.78 -8.34
N GLU B 408 13.67 -3.12 -7.59
CA GLU B 408 14.08 -2.12 -6.61
C GLU B 408 14.61 -2.76 -5.34
N LEU B 409 14.15 -3.97 -5.05
CA LEU B 409 14.53 -4.70 -3.85
C LEU B 409 16.02 -5.04 -3.85
N ILE B 410 16.71 -4.61 -2.80
CA ILE B 410 18.13 -4.93 -2.61
C ILE B 410 18.27 -5.72 -1.34
N ILE B 411 18.79 -6.94 -1.48
CA ILE B 411 19.21 -7.74 -0.32
C ILE B 411 20.59 -8.33 -0.67
N ASP B 412 21.63 -7.72 -0.13
CA ASP B 412 23.01 -8.14 -0.39
C ASP B 412 23.58 -8.92 0.80
N GLY B 413 24.59 -9.74 0.54
CA GLY B 413 25.31 -10.45 1.59
C GLY B 413 24.84 -11.89 1.75
N ILE B 414 23.59 -12.14 1.36
CA ILE B 414 23.06 -13.49 1.30
C ILE B 414 22.48 -13.74 -0.09
N LYS B 415 22.22 -15.01 -0.41
CA LYS B 415 21.55 -15.38 -1.64
C LYS B 415 20.04 -15.39 -1.43
N THR B 416 19.29 -14.96 -2.44
CA THR B 416 17.82 -14.96 -2.38
C THR B 416 17.21 -15.54 -3.64
N ASN B 417 15.91 -15.78 -3.60
CA ASN B 417 15.16 -16.23 -4.77
C ASN B 417 14.56 -15.07 -5.58
N VAL B 418 15.06 -13.85 -5.38
CA VAL B 418 14.51 -12.67 -6.06
C VAL B 418 14.55 -12.83 -7.59
N ASP B 419 15.65 -13.38 -8.10
CA ASP B 419 15.78 -13.62 -9.55
C ASP B 419 14.80 -14.66 -10.11
N LEU B 420 14.51 -15.70 -9.33
CA LEU B 420 13.45 -16.64 -9.70
C LEU B 420 12.09 -15.95 -9.79
N GLN B 421 11.77 -15.13 -8.79
CA GLN B 421 10.52 -14.38 -8.76
C GLN B 421 10.37 -13.51 -10.01
N ILE B 422 11.42 -12.78 -10.37
CA ILE B 422 11.43 -11.97 -11.59
C ILE B 422 11.15 -12.83 -12.83
N ARG B 423 11.79 -14.00 -12.90
CA ARG B 423 11.56 -14.98 -13.97
C ARG B 423 10.08 -15.38 -14.04
N ILE B 424 9.48 -15.68 -12.89
CA ILE B 424 8.07 -16.10 -12.84
C ILE B 424 7.13 -14.98 -13.32
N MET B 425 7.42 -13.74 -12.92
CA MET B 425 6.61 -12.60 -13.36
C MET B 425 6.64 -12.40 -14.88
N ASN B 426 7.77 -12.76 -15.48
CA ASN B 426 7.99 -12.64 -16.94
C ASN B 426 7.63 -13.89 -17.73
N ASP B 427 7.27 -14.96 -17.01
CA ASP B 427 6.81 -16.20 -17.61
C ASP B 427 5.47 -15.96 -18.31
N GLU B 428 5.37 -16.34 -19.58
CA GLU B 428 4.18 -16.07 -20.41
C GLU B 428 2.93 -16.86 -19.98
N ASN B 429 3.11 -18.04 -19.40
CA ASN B 429 1.99 -18.82 -18.90
C ASN B 429 1.41 -18.25 -17.59
N PHE B 430 2.29 -17.77 -16.72
CA PHE B 430 1.86 -17.02 -15.54
C PHE B 430 1.11 -15.74 -15.94
N GLN B 431 1.64 -15.03 -16.94
CA GLN B 431 1.00 -13.80 -17.43
C GLN B 431 -0.43 -14.05 -17.94
N HIS B 432 -0.61 -15.18 -18.63
CA HIS B 432 -1.92 -15.63 -19.08
C HIS B 432 -2.81 -15.98 -17.88
N GLY B 433 -2.22 -16.66 -16.88
CA GLY B 433 -2.92 -17.02 -15.66
C GLY B 433 -3.47 -18.42 -15.66
N GLY B 434 -3.75 -18.93 -14.46
CA GLY B 434 -4.40 -20.24 -14.29
C GLY B 434 -3.52 -21.46 -14.45
N THR B 435 -2.21 -21.31 -14.28
CA THR B 435 -1.31 -22.47 -14.33
C THR B 435 -1.58 -23.39 -13.13
N ASN B 436 -1.38 -24.69 -13.33
CA ASN B 436 -1.69 -25.68 -12.28
C ASN B 436 -0.55 -25.88 -11.29
N ILE B 437 -0.77 -26.75 -10.30
CA ILE B 437 0.20 -26.98 -9.22
C ILE B 437 1.54 -27.57 -9.69
N HIS B 438 1.55 -28.16 -10.88
CA HIS B 438 2.74 -28.82 -11.40
C HIS B 438 3.60 -27.92 -12.28
N TYR B 439 3.11 -26.71 -12.57
CA TYR B 439 3.74 -25.86 -13.56
C TYR B 439 5.19 -25.45 -13.27
N LEU B 440 5.44 -24.94 -12.06
CA LEU B 440 6.76 -24.38 -11.74
C LEU B 440 7.89 -25.42 -11.88
N GLU B 441 7.65 -26.62 -11.35
CA GLU B 441 8.64 -27.69 -11.40
C GLU B 441 8.92 -28.17 -12.82
N LYS B 442 7.88 -28.21 -13.66
CA LYS B 442 8.02 -28.51 -15.09
C LYS B 442 8.82 -27.41 -15.80
N LYS B 443 8.48 -26.15 -15.51
CA LYS B 443 9.20 -24.99 -16.06
C LYS B 443 10.69 -25.02 -15.69
N LEU B 444 10.98 -25.28 -14.41
CA LEU B 444 12.35 -25.35 -13.92
C LEU B 444 13.11 -26.55 -14.47
N GLY B 445 12.39 -27.63 -14.77
CA GLY B 445 12.97 -28.85 -15.34
C GLY B 445 13.43 -28.68 -16.78
N LEU B 446 12.95 -27.63 -17.44
CA LEU B 446 13.33 -27.32 -18.81
C LEU B 446 14.49 -26.31 -18.88
N GLN B 447 15.26 -26.31 -19.84
#